data_6WW2
#
_entry.id   6WW2
#
_cell.length_a   1.00
_cell.length_b   1.00
_cell.length_c   1.00
_cell.angle_alpha   90.00
_cell.angle_beta   90.00
_cell.angle_gamma   90.00
#
_symmetry.space_group_name_H-M   'P 1'
#
loop_
_entity.id
_entity.type
_entity.pdbx_description
1 polymer 'anti-BRIL Fab Heavy chain'
2 polymer 'anti-Fab Nanobody'
3 polymer 'anti-BRIL Fab Light chain'
4 polymer 'Frizzled-5,Soluble cytochrome b562'
#
loop_
_entity_poly.entity_id
_entity_poly.type
_entity_poly.pdbx_seq_one_letter_code
_entity_poly.pdbx_strand_id
1 'polypeptide(L)'
;EISEVQLVESGGGLVQPGGSLRLSCAASGFNVVDFSLHWVRQAPGKGLEWVAYISSSSGSTSYADSVKGRFTISADTSKN
TAYLQMNSLRAEDTAVYYCARWGYWPGEPWWKAFDYWGQGTLVTVSSASTKGPSVFPLAPSSKSTSGGTAALGCLVKDYF
PEPVTVSWNSGALTSGVHTFPAVLQSSGLYSLSSVVTVPSSSLGTQTYICNVNHKPSNTKVDKKVEPKS
;
H
2 'polypeptide(L)'
;GSQVQLQESGGGLVQPGGSLRLSCAASGRTISRYAMSWFRQAPGKEREFVAVARRSGDGAFYADSVQGRFTVSRDDAKNT
VYLQMNSLKPEDTAVYYCAIDSDTFYSGSYDYWGQGTQVTVSS
;
K
3 'polypeptide(L)'
;SDIQMTQSPSSLSASVGDRVTITCRASQSVSSAVAWYQQKPGKAPKLLIYSASSLYSGVPSRFSGSRSGTDFTLTISSLQ
PEDFATYYCQQYLYYSLVTFGQGTKVEIKRTVAAPSVFIFPPSDSQLKSGTASVVCLLNNFYPREAKVQWKVDNALQSGN
SQESVTEQDSKDSTYSLSSTLTLSKADYEKHKVYACEVTHQGLSSPVTKSFNRG
;
L
4 'polypeptide(L)'
;DYKDDDDASKAPVCQEITVPMCRGIGYNLTHMPNQFNHDTQDEAGLEVHQFWPLVEIQCSPDLRFFLCSMYTPICLPDYH
KPLPPCRSVCERAKAGCSPLMRQYGFAWPERMSCDRLPVLGRDAEVLCMDYNRSEATTAPPRPFPAKPTLPGPPGAPASG
GECPAGGPFVCKCREPFVPILKESHPLYNKVRTGQVPNCAVPCYQPSFSADERTFATFWIGLWSVLCFISTSTTVATFLI
DMERFRYPERPIIFLSACYLCVSLGFLVRLVVGHASVACSREHNHIHYETTGPALCTIVFLLVYFFGMASSIWWVILSLT
WFLAAGMKWGNEAIAGYAQYFHLAAWLIPSVKSITALALSSVDGDPVAGICYVGNQNLNSLRGFVLGPLVLYLLVGTLFL
LAGFVSLFRARRQLADLEDNWETLNDNLKVIEKADNAAQVKDALTKMRAAALDAQKATPPKLEDKSPDSPEMKDFRHGFD
ILVGQIDDALKLANEGKVKEAQAAAEQLKTTRNAYIQKYLERARSTLDKLEKLMIRIGIFTLLYTVPASIVVACYLYEQH
YRESWEAALTCACPGHDTGQPRAKPEYWVLMLKYFMCLVVGITSGVWIWSGKTVESWRRFTSRCCCRPRRGHKAAALEVL
FQGPGAAEDQVDPRLIDGKHHHHHHHH
;
R
#
# COMPACT_ATOMS: atom_id res chain seq x y z
N GLU A 4 -24.78 -14.85 -23.99
CA GLU A 4 -23.88 -15.24 -22.92
C GLU A 4 -23.31 -16.63 -23.19
N VAL A 5 -22.21 -16.97 -22.52
CA VAL A 5 -21.64 -18.30 -22.60
C VAL A 5 -21.86 -18.97 -21.27
N GLN A 6 -22.02 -20.29 -21.32
CA GLN A 6 -22.44 -21.04 -20.14
C GLN A 6 -21.70 -22.37 -20.15
N LEU A 7 -21.50 -22.92 -18.96
CA LEU A 7 -20.78 -24.17 -18.80
C LEU A 7 -21.65 -25.11 -17.98
N VAL A 8 -21.40 -26.40 -18.13
CA VAL A 8 -22.08 -27.37 -17.27
C VAL A 8 -21.17 -28.57 -17.04
N GLU A 9 -21.15 -29.04 -15.80
CA GLU A 9 -20.42 -30.24 -15.42
C GLU A 9 -21.41 -31.36 -15.18
N SER A 10 -20.99 -32.58 -15.46
CA SER A 10 -21.86 -33.71 -15.18
C SER A 10 -21.01 -34.93 -14.88
N GLY A 11 -21.60 -35.86 -14.15
CA GLY A 11 -20.96 -37.10 -13.84
C GLY A 11 -20.56 -37.31 -12.40
N GLY A 12 -21.10 -36.53 -11.47
CA GLY A 12 -20.69 -36.64 -10.09
C GLY A 12 -21.31 -37.82 -9.38
N GLY A 13 -20.96 -37.94 -8.10
CA GLY A 13 -21.51 -38.98 -7.28
C GLY A 13 -20.49 -39.71 -6.43
N LEU A 14 -20.67 -41.01 -6.32
CA LEU A 14 -19.89 -41.82 -5.42
C LEU A 14 -19.34 -43.01 -6.17
N VAL A 15 -18.09 -43.37 -5.87
CA VAL A 15 -17.49 -44.57 -6.43
C VAL A 15 -16.78 -45.34 -5.34
N GLN A 16 -16.54 -46.62 -5.62
CA GLN A 16 -15.66 -47.44 -4.81
C GLN A 16 -14.23 -46.96 -4.97
N PRO A 17 -13.37 -47.18 -3.98
CA PRO A 17 -11.95 -46.86 -4.17
C PRO A 17 -11.36 -47.79 -5.21
N GLY A 18 -10.40 -47.26 -5.96
CA GLY A 18 -9.90 -47.99 -7.11
C GLY A 18 -10.85 -48.04 -8.27
N GLY A 19 -11.82 -47.13 -8.33
CA GLY A 19 -12.77 -47.10 -9.43
C GLY A 19 -12.27 -46.26 -10.58
N SER A 20 -13.18 -45.93 -11.48
CA SER A 20 -12.87 -45.07 -12.59
C SER A 20 -14.12 -44.28 -12.95
N LEU A 21 -13.91 -43.08 -13.49
CA LEU A 21 -15.05 -42.21 -13.74
C LEU A 21 -14.71 -41.23 -14.86
N ARG A 22 -15.77 -40.73 -15.50
CA ARG A 22 -15.68 -39.72 -16.55
C ARG A 22 -16.52 -38.52 -16.15
N LEU A 23 -15.93 -37.35 -16.22
CA LEU A 23 -16.65 -36.10 -16.02
C LEU A 23 -16.76 -35.38 -17.34
N SER A 24 -17.95 -34.88 -17.63
CA SER A 24 -18.21 -34.22 -18.90
C SER A 24 -18.45 -32.74 -18.66
N CYS A 25 -17.61 -31.91 -19.24
CA CYS A 25 -17.81 -30.46 -19.24
C CYS A 25 -18.31 -30.03 -20.60
N ALA A 26 -19.53 -29.50 -20.65
CA ALA A 26 -20.09 -29.03 -21.92
C ALA A 26 -20.15 -27.51 -21.89
N ALA A 27 -19.69 -26.89 -22.98
CA ALA A 27 -19.66 -25.44 -23.13
C ALA A 27 -20.70 -25.04 -24.14
N SER A 28 -21.63 -24.19 -23.74
CA SER A 28 -22.69 -23.70 -24.59
C SER A 28 -22.45 -22.22 -24.89
N GLY A 29 -22.46 -21.89 -26.17
CA GLY A 29 -22.14 -20.56 -26.61
C GLY A 29 -20.87 -20.53 -27.42
N PHE A 30 -19.75 -20.25 -26.75
CA PHE A 30 -18.46 -20.21 -27.43
C PHE A 30 -18.02 -21.62 -27.81
N ASN A 31 -17.36 -21.72 -28.96
CA ASN A 31 -16.80 -23.00 -29.35
C ASN A 31 -15.43 -23.18 -28.71
N VAL A 32 -14.97 -24.44 -28.67
CA VAL A 32 -13.79 -24.76 -27.88
C VAL A 32 -12.54 -24.91 -28.72
N VAL A 33 -12.60 -24.66 -30.03
CA VAL A 33 -11.35 -24.56 -30.78
C VAL A 33 -10.57 -23.33 -30.38
N ASP A 34 -11.25 -22.30 -29.92
CA ASP A 34 -10.61 -21.03 -29.70
C ASP A 34 -10.34 -20.79 -28.21
N PHE A 35 -10.73 -21.71 -27.34
CA PHE A 35 -10.54 -21.48 -25.92
C PHE A 35 -10.17 -22.77 -25.22
N SER A 36 -9.26 -22.68 -24.25
CA SER A 36 -8.73 -23.80 -23.52
C SER A 36 -9.58 -24.12 -22.30
N LEU A 37 -9.71 -25.41 -22.00
CA LEU A 37 -10.41 -25.87 -20.82
C LEU A 37 -9.42 -26.34 -19.77
N HIS A 38 -9.71 -26.03 -18.51
CA HIS A 38 -8.90 -26.47 -17.40
C HIS A 38 -9.80 -27.16 -16.40
N TRP A 39 -9.21 -27.95 -15.51
CA TRP A 39 -9.97 -28.56 -14.44
C TRP A 39 -9.38 -28.18 -13.09
N VAL A 40 -10.20 -27.63 -12.21
CA VAL A 40 -9.77 -27.09 -10.94
C VAL A 40 -10.52 -27.79 -9.82
N ARG A 41 -9.79 -28.33 -8.86
CA ARG A 41 -10.30 -29.18 -7.81
C ARG A 41 -10.30 -28.45 -6.48
N GLN A 42 -11.40 -28.57 -5.73
CA GLN A 42 -11.45 -28.13 -4.34
C GLN A 42 -11.80 -29.32 -3.46
N ALA A 43 -10.82 -29.77 -2.68
CA ALA A 43 -11.10 -30.70 -1.61
C ALA A 43 -11.94 -30.00 -0.55
N PRO A 44 -12.78 -30.73 0.18
CA PRO A 44 -13.69 -30.06 1.13
C PRO A 44 -12.93 -29.47 2.31
N GLY A 45 -13.23 -28.22 2.63
CA GLY A 45 -12.50 -27.50 3.65
C GLY A 45 -11.06 -27.21 3.29
N LYS A 46 -10.78 -26.88 2.04
CA LYS A 46 -9.44 -26.55 1.60
C LYS A 46 -9.50 -25.38 0.64
N GLY A 47 -8.34 -24.98 0.17
CA GLY A 47 -8.26 -24.05 -0.93
C GLY A 47 -8.37 -24.77 -2.25
N LEU A 48 -8.32 -24.00 -3.32
CA LEU A 48 -8.38 -24.60 -4.63
C LEU A 48 -7.04 -25.23 -4.98
N GLU A 49 -7.05 -26.10 -5.97
CA GLU A 49 -5.83 -26.67 -6.49
C GLU A 49 -6.07 -27.07 -7.93
N TRP A 50 -4.98 -27.32 -8.64
CA TRP A 50 -5.00 -27.46 -10.08
C TRP A 50 -4.86 -28.91 -10.49
N VAL A 51 -5.52 -29.29 -11.60
CA VAL A 51 -5.50 -30.68 -12.04
C VAL A 51 -4.86 -30.85 -13.41
N ALA A 52 -5.57 -30.47 -14.47
CA ALA A 52 -5.15 -30.73 -15.83
C ALA A 52 -5.68 -29.65 -16.73
N TYR A 53 -5.22 -29.60 -17.97
CA TYR A 53 -5.90 -28.76 -18.94
C TYR A 53 -5.85 -29.43 -20.30
N ILE A 54 -6.58 -28.85 -21.24
CA ILE A 54 -6.53 -29.22 -22.64
C ILE A 54 -6.90 -27.98 -23.44
N SER A 55 -6.47 -27.94 -24.70
CA SER A 55 -6.68 -26.77 -25.53
C SER A 55 -6.61 -27.27 -26.97
N SER A 56 -7.75 -27.70 -27.49
CA SER A 56 -7.73 -28.54 -28.68
C SER A 56 -7.49 -27.77 -29.98
N SER A 57 -6.87 -26.59 -29.96
CA SER A 57 -6.34 -26.07 -31.21
C SER A 57 -5.10 -26.83 -31.63
N SER A 58 -4.31 -27.30 -30.68
CA SER A 58 -3.13 -28.10 -30.96
C SER A 58 -3.06 -29.42 -30.21
N GLY A 59 -3.83 -29.58 -29.14
CA GLY A 59 -3.69 -30.75 -28.29
C GLY A 59 -2.47 -30.59 -27.42
N SER A 60 -2.64 -30.13 -26.19
CA SER A 60 -1.53 -29.75 -25.34
C SER A 60 -1.79 -30.18 -23.90
N THR A 61 -2.13 -31.43 -23.70
CA THR A 61 -2.65 -31.89 -22.41
C THR A 61 -1.54 -32.04 -21.38
N SER A 62 -1.66 -31.34 -20.26
CA SER A 62 -0.75 -31.50 -19.13
C SER A 62 -1.52 -32.00 -17.93
N TYR A 63 -0.80 -32.35 -16.88
CA TYR A 63 -1.44 -32.83 -15.67
C TYR A 63 -0.66 -32.32 -14.47
N ALA A 64 -1.34 -32.17 -13.34
CA ALA A 64 -0.60 -31.88 -12.12
C ALA A 64 0.14 -33.13 -11.67
N ASP A 65 1.10 -32.93 -10.77
CA ASP A 65 1.95 -34.03 -10.33
C ASP A 65 1.18 -35.08 -9.53
N SER A 66 0.11 -34.67 -8.85
CA SER A 66 -0.65 -35.62 -8.05
C SER A 66 -1.48 -36.56 -8.91
N VAL A 67 -1.78 -36.17 -10.14
CA VAL A 67 -2.67 -36.93 -10.99
C VAL A 67 -1.95 -37.50 -12.21
N LYS A 68 -0.64 -37.36 -12.28
CA LYS A 68 0.11 -38.01 -13.33
C LYS A 68 0.06 -39.51 -13.14
N GLY A 69 -0.17 -40.24 -14.22
CA GLY A 69 -0.32 -41.67 -14.11
C GLY A 69 -1.66 -42.13 -13.59
N ARG A 70 -2.67 -41.26 -13.58
CA ARG A 70 -3.97 -41.67 -13.09
C ARG A 70 -5.10 -40.98 -13.84
N PHE A 71 -4.84 -39.77 -14.33
CA PHE A 71 -5.89 -38.99 -14.96
C PHE A 71 -5.56 -38.83 -16.44
N THR A 72 -6.60 -38.74 -17.26
CA THR A 72 -6.40 -38.52 -18.68
C THR A 72 -7.57 -37.73 -19.21
N ILE A 73 -7.42 -37.15 -20.39
CA ILE A 73 -8.34 -36.12 -20.85
C ILE A 73 -8.61 -36.24 -22.35
N SER A 74 -9.74 -35.66 -22.79
CA SER A 74 -10.04 -35.52 -24.21
C SER A 74 -10.97 -34.33 -24.44
N ALA A 75 -10.96 -33.81 -25.67
CA ALA A 75 -11.82 -32.68 -25.98
C ALA A 75 -12.16 -32.51 -27.46
N ASP A 76 -13.10 -33.31 -27.95
CA ASP A 76 -13.65 -33.07 -29.29
C ASP A 76 -14.44 -31.78 -29.36
N THR A 77 -14.21 -31.04 -30.44
CA THR A 77 -14.88 -29.77 -30.65
C THR A 77 -16.14 -29.90 -31.51
N SER A 78 -16.42 -31.09 -32.03
CA SER A 78 -17.70 -31.28 -32.73
C SER A 78 -18.86 -31.40 -31.73
N LYS A 79 -18.62 -31.99 -30.57
CA LYS A 79 -19.59 -32.01 -29.49
C LYS A 79 -19.40 -30.87 -28.50
N ASN A 80 -18.33 -30.09 -28.69
CA ASN A 80 -18.06 -28.84 -27.97
C ASN A 80 -17.93 -29.07 -26.47
N THR A 81 -17.24 -30.14 -26.10
CA THR A 81 -17.24 -30.60 -24.73
C THR A 81 -15.92 -31.29 -24.42
N ALA A 82 -15.72 -31.65 -23.17
CA ALA A 82 -14.48 -32.23 -22.70
C ALA A 82 -14.76 -33.35 -21.71
N TYR A 83 -13.80 -34.25 -21.59
CA TYR A 83 -13.96 -35.50 -20.85
C TYR A 83 -12.72 -35.74 -20.01
N LEU A 84 -12.91 -35.95 -18.72
CA LEU A 84 -11.81 -36.29 -17.82
C LEU A 84 -12.06 -37.67 -17.27
N GLN A 85 -11.09 -38.56 -17.44
CA GLN A 85 -11.17 -39.92 -16.91
C GLN A 85 -10.18 -40.09 -15.78
N MET A 86 -10.67 -40.51 -14.63
CA MET A 86 -9.86 -40.83 -13.48
C MET A 86 -9.93 -42.32 -13.21
N ASN A 87 -8.79 -42.92 -12.90
CA ASN A 87 -8.70 -44.32 -12.56
C ASN A 87 -7.88 -44.49 -11.30
N SER A 88 -8.23 -45.54 -10.54
CA SER A 88 -7.69 -45.83 -9.21
C SER A 88 -7.81 -44.63 -8.29
N LEU A 89 -8.99 -44.40 -7.72
CA LEU A 89 -9.20 -43.20 -6.93
C LEU A 89 -8.64 -43.44 -5.54
N ARG A 90 -7.55 -42.74 -5.23
CA ARG A 90 -7.11 -42.65 -3.85
C ARG A 90 -8.15 -41.86 -3.07
N ALA A 91 -8.30 -42.19 -1.79
CA ALA A 91 -9.37 -41.64 -0.98
C ALA A 91 -9.22 -40.15 -0.70
N GLU A 92 -8.06 -39.56 -0.97
CA GLU A 92 -7.94 -38.11 -0.90
C GLU A 92 -8.80 -37.43 -1.95
N ASP A 93 -8.88 -38.01 -3.15
CA ASP A 93 -9.41 -37.34 -4.33
C ASP A 93 -10.90 -37.02 -4.27
N THR A 94 -11.60 -37.37 -3.19
CA THR A 94 -12.94 -36.87 -2.93
C THR A 94 -12.92 -35.36 -2.89
N ALA A 95 -13.71 -34.73 -3.74
CA ALA A 95 -13.64 -33.29 -3.88
C ALA A 95 -14.84 -32.77 -4.67
N VAL A 96 -14.79 -31.50 -4.99
CA VAL A 96 -15.66 -30.85 -5.95
C VAL A 96 -14.78 -30.40 -7.10
N TYR A 97 -15.22 -30.66 -8.33
CA TYR A 97 -14.46 -30.33 -9.52
C TYR A 97 -15.14 -29.24 -10.33
N TYR A 98 -14.34 -28.37 -10.93
CA TYR A 98 -14.81 -27.25 -11.70
C TYR A 98 -14.13 -27.27 -13.06
N CYS A 99 -14.84 -26.83 -14.08
CA CYS A 99 -14.34 -26.71 -15.44
C CYS A 99 -14.23 -25.24 -15.79
N ALA A 100 -13.07 -24.82 -16.30
CA ALA A 100 -12.83 -23.40 -16.47
C ALA A 100 -12.27 -23.10 -17.85
N ARG A 101 -12.31 -21.82 -18.20
CA ARG A 101 -12.04 -21.35 -19.56
C ARG A 101 -10.86 -20.39 -19.55
N TRP A 102 -10.01 -20.48 -20.58
CA TRP A 102 -8.86 -19.60 -20.67
C TRP A 102 -8.44 -19.40 -22.12
N GLY A 103 -8.16 -18.16 -22.50
CA GLY A 103 -7.96 -17.80 -23.90
C GLY A 103 -6.51 -17.77 -24.32
N TYR A 104 -6.28 -17.96 -25.61
CA TYR A 104 -4.92 -18.13 -26.09
C TYR A 104 -4.15 -16.82 -26.11
N TRP A 105 -2.83 -16.95 -26.14
CA TRP A 105 -1.94 -15.84 -26.45
C TRP A 105 -2.02 -15.53 -27.93
N PRO A 106 -2.04 -14.25 -28.32
CA PRO A 106 -1.91 -13.05 -27.51
C PRO A 106 -3.19 -12.38 -27.14
N GLY A 107 -3.05 -11.13 -26.78
CA GLY A 107 -4.19 -10.27 -26.64
C GLY A 107 -4.84 -10.35 -25.28
N GLU A 108 -6.02 -9.73 -25.23
CA GLU A 108 -6.79 -9.68 -23.99
C GLU A 108 -7.24 -11.02 -23.43
N PRO A 109 -7.82 -11.97 -24.18
CA PRO A 109 -8.37 -13.18 -23.51
C PRO A 109 -7.35 -14.08 -22.85
N TRP A 110 -6.06 -13.93 -23.14
CA TRP A 110 -5.08 -14.57 -22.29
C TRP A 110 -4.84 -13.81 -21.01
N TRP A 111 -4.91 -12.48 -21.07
CA TRP A 111 -4.61 -11.71 -19.87
C TRP A 111 -5.70 -11.86 -18.84
N LYS A 112 -6.93 -12.06 -19.27
CA LYS A 112 -7.95 -12.53 -18.35
C LYS A 112 -7.63 -13.96 -17.96
N ALA A 113 -7.78 -14.27 -16.68
CA ALA A 113 -7.56 -15.62 -16.24
C ALA A 113 -8.82 -16.45 -16.49
N PHE A 114 -9.10 -17.38 -15.60
CA PHE A 114 -10.34 -18.12 -15.69
C PHE A 114 -11.49 -17.21 -15.32
N ASP A 115 -12.47 -17.08 -16.20
CA ASP A 115 -13.58 -16.20 -15.91
C ASP A 115 -14.92 -16.91 -15.91
N TYR A 116 -15.17 -17.80 -16.86
CA TYR A 116 -16.50 -18.37 -16.97
C TYR A 116 -16.46 -19.80 -16.44
N TRP A 117 -16.61 -19.92 -15.13
CA TRP A 117 -16.55 -21.20 -14.44
C TRP A 117 -17.88 -21.89 -14.46
N GLY A 118 -17.88 -23.17 -14.74
CA GLY A 118 -19.03 -23.97 -14.41
C GLY A 118 -19.11 -24.21 -12.93
N GLN A 119 -20.28 -24.65 -12.46
CA GLN A 119 -20.46 -24.75 -11.02
C GLN A 119 -19.91 -26.03 -10.42
N GLY A 120 -19.52 -27.00 -11.24
CA GLY A 120 -18.76 -28.13 -10.76
C GLY A 120 -19.60 -29.17 -10.02
N THR A 121 -19.07 -30.37 -9.96
CA THR A 121 -19.78 -31.45 -9.28
C THR A 121 -18.87 -32.17 -8.31
N LEU A 122 -19.51 -32.87 -7.38
CA LEU A 122 -18.82 -33.51 -6.27
C LEU A 122 -18.70 -35.00 -6.51
N VAL A 123 -17.51 -35.54 -6.31
CA VAL A 123 -17.34 -36.99 -6.32
C VAL A 123 -16.68 -37.40 -5.03
N THR A 124 -16.99 -38.62 -4.59
CA THR A 124 -16.44 -39.13 -3.35
C THR A 124 -15.96 -40.56 -3.50
N VAL A 125 -14.93 -40.86 -2.73
CA VAL A 125 -14.32 -42.20 -2.72
C VAL A 125 -15.07 -42.99 -1.66
N SER A 126 -16.26 -43.45 -2.04
CA SER A 126 -17.14 -44.13 -1.10
C SER A 126 -16.64 -45.54 -0.83
N SER A 127 -16.46 -45.87 0.45
CA SER A 127 -15.89 -47.15 0.81
C SER A 127 -16.81 -48.06 1.58
N ALA A 128 -17.81 -47.52 2.28
CA ALA A 128 -18.73 -48.33 3.06
C ALA A 128 -20.14 -48.18 2.51
N SER A 129 -20.94 -49.23 2.67
CA SER A 129 -22.29 -49.23 2.12
C SER A 129 -23.20 -48.27 2.86
N THR A 130 -24.19 -47.74 2.14
CA THR A 130 -25.08 -46.75 2.70
C THR A 130 -26.07 -47.39 3.67
N LYS A 131 -26.41 -46.66 4.72
CA LYS A 131 -27.26 -47.19 5.78
C LYS A 131 -27.87 -46.03 6.55
N GLY A 132 -28.78 -46.37 7.45
CA GLY A 132 -29.46 -45.40 8.26
C GLY A 132 -28.76 -45.09 9.57
N PRO A 133 -29.05 -43.93 10.14
CA PRO A 133 -28.36 -43.50 11.34
C PRO A 133 -28.99 -44.09 12.59
N SER A 134 -28.27 -43.95 13.69
CA SER A 134 -28.78 -44.21 15.02
C SER A 134 -28.96 -42.88 15.73
N VAL A 135 -30.09 -42.73 16.41
CA VAL A 135 -30.47 -41.48 17.05
C VAL A 135 -30.43 -41.69 18.56
N PHE A 136 -29.87 -40.72 19.28
CA PHE A 136 -29.76 -40.78 20.72
C PHE A 136 -30.11 -39.44 21.36
N PRO A 137 -30.75 -39.46 22.52
CA PRO A 137 -31.02 -38.21 23.24
C PRO A 137 -29.80 -37.67 23.94
N LEU A 138 -29.81 -36.35 24.15
CA LEU A 138 -28.84 -35.65 24.99
C LEU A 138 -29.69 -34.79 25.91
N ALA A 139 -30.06 -35.35 27.01
CA ALA A 139 -30.85 -34.65 28.01
C ALA A 139 -29.94 -33.82 28.89
N PRO A 140 -30.39 -32.65 29.34
CA PRO A 140 -29.59 -31.89 30.29
C PRO A 140 -29.66 -32.57 31.64
N SER A 141 -28.64 -32.32 32.44
CA SER A 141 -28.68 -32.78 33.81
C SER A 141 -29.66 -31.93 34.60
N SER A 142 -30.08 -32.46 35.76
CA SER A 142 -30.86 -31.63 36.66
C SER A 142 -30.01 -30.51 37.26
N LYS A 143 -28.69 -30.69 37.30
CA LYS A 143 -27.76 -29.67 37.76
C LYS A 143 -27.21 -28.81 36.63
N SER A 144 -27.60 -29.08 35.38
CA SER A 144 -27.10 -28.31 34.24
C SER A 144 -28.03 -27.11 34.06
N THR A 145 -27.71 -26.03 34.77
CA THR A 145 -28.43 -24.76 34.81
C THR A 145 -29.92 -24.94 35.11
N SER A 146 -30.26 -25.08 36.38
CA SER A 146 -31.65 -25.19 36.80
C SER A 146 -32.23 -23.79 37.05
N GLY A 147 -32.45 -23.06 35.95
CA GLY A 147 -33.02 -21.74 36.05
C GLY A 147 -33.06 -20.97 34.75
N GLY A 148 -31.90 -20.56 34.26
CA GLY A 148 -31.83 -19.76 33.04
C GLY A 148 -32.02 -20.59 31.80
N THR A 149 -30.98 -20.69 30.99
CA THR A 149 -31.07 -21.49 29.77
C THR A 149 -30.96 -22.97 30.09
N ALA A 150 -31.36 -23.79 29.13
CA ALA A 150 -31.27 -25.23 29.26
C ALA A 150 -31.04 -25.79 27.86
N ALA A 151 -30.10 -26.71 27.74
CA ALA A 151 -29.67 -27.21 26.46
C ALA A 151 -30.16 -28.63 26.30
N LEU A 152 -30.83 -28.90 25.19
CA LEU A 152 -31.42 -30.20 24.92
C LEU A 152 -31.07 -30.57 23.49
N GLY A 153 -30.58 -31.79 23.27
CA GLY A 153 -29.97 -32.10 21.99
C GLY A 153 -30.31 -33.49 21.51
N CYS A 154 -30.05 -33.70 20.22
CA CYS A 154 -30.16 -35.01 19.60
C CYS A 154 -28.89 -35.34 18.83
N LEU A 155 -28.47 -36.59 18.93
CA LEU A 155 -27.24 -37.06 18.31
C LEU A 155 -27.57 -38.11 17.28
N VAL A 156 -27.09 -37.94 16.05
CA VAL A 156 -27.23 -38.97 15.01
C VAL A 156 -25.86 -39.47 14.63
N LYS A 157 -25.73 -40.77 14.49
CA LYS A 157 -24.40 -41.33 14.44
C LYS A 157 -24.43 -42.58 13.58
N ASP A 158 -23.31 -42.87 12.90
CA ASP A 158 -23.15 -44.01 12.00
C ASP A 158 -24.15 -43.96 10.86
N TYR A 159 -23.89 -43.11 9.89
CA TYR A 159 -24.72 -43.11 8.70
C TYR A 159 -23.86 -42.77 7.50
N PHE A 160 -24.39 -43.09 6.33
CA PHE A 160 -23.73 -42.90 5.05
C PHE A 160 -24.79 -43.00 3.98
N PRO A 161 -24.74 -42.17 2.92
CA PRO A 161 -23.81 -41.10 2.57
C PRO A 161 -24.11 -39.81 3.28
N GLU A 162 -23.78 -38.70 2.62
CA GLU A 162 -23.64 -37.44 3.36
C GLU A 162 -24.96 -36.81 3.78
N PRO A 163 -25.92 -36.49 2.89
CA PRO A 163 -26.98 -35.58 3.33
C PRO A 163 -28.01 -36.25 4.23
N VAL A 164 -28.17 -35.70 5.44
CA VAL A 164 -29.21 -36.09 6.37
C VAL A 164 -29.85 -34.80 6.85
N THR A 165 -31.12 -34.87 7.25
CA THR A 165 -31.80 -33.71 7.76
C THR A 165 -32.48 -34.06 9.08
N VAL A 166 -32.52 -33.10 9.99
CA VAL A 166 -33.18 -33.26 11.27
C VAL A 166 -34.16 -32.11 11.42
N SER A 167 -35.41 -32.43 11.74
CA SER A 167 -36.44 -31.45 11.98
C SER A 167 -36.87 -31.50 13.44
N TRP A 168 -37.12 -30.33 13.99
CA TRP A 168 -37.37 -30.19 15.42
C TRP A 168 -38.86 -29.98 15.60
N ASN A 169 -39.55 -31.04 16.06
CA ASN A 169 -41.02 -31.11 16.15
C ASN A 169 -41.70 -30.85 14.81
N SER A 170 -41.04 -31.24 13.71
CA SER A 170 -41.50 -31.02 12.34
C SER A 170 -41.78 -29.55 12.03
N GLY A 171 -40.97 -28.66 12.59
CA GLY A 171 -40.97 -27.25 12.19
C GLY A 171 -41.28 -26.24 13.26
N ALA A 172 -41.67 -26.64 14.46
CA ALA A 172 -42.26 -25.70 15.43
C ALA A 172 -41.24 -24.93 16.27
N LEU A 173 -39.94 -25.15 16.11
CA LEU A 173 -38.97 -24.51 16.99
C LEU A 173 -37.92 -23.77 16.19
N THR A 174 -37.60 -22.57 16.65
CA THR A 174 -36.51 -21.80 16.06
C THR A 174 -35.74 -20.99 17.11
N SER A 175 -36.00 -21.20 18.40
CA SER A 175 -35.34 -20.45 19.46
C SER A 175 -33.94 -21.02 19.63
N GLY A 176 -33.01 -20.53 18.83
CA GLY A 176 -31.62 -20.94 18.94
C GLY A 176 -31.34 -22.38 18.58
N VAL A 177 -32.02 -22.90 17.56
CA VAL A 177 -31.73 -24.24 17.07
C VAL A 177 -30.35 -24.24 16.43
N HIS A 178 -29.54 -25.22 16.79
CA HIS A 178 -28.23 -25.39 16.19
C HIS A 178 -28.13 -26.77 15.60
N THR A 179 -27.65 -26.84 14.37
CA THR A 179 -27.38 -28.12 13.73
C THR A 179 -26.04 -28.00 13.04
N PHE A 180 -25.14 -28.91 13.39
CA PHE A 180 -23.71 -28.89 13.12
C PHE A 180 -23.38 -29.52 11.77
N PRO A 181 -22.24 -29.17 11.19
CA PRO A 181 -21.76 -29.93 10.04
C PRO A 181 -21.42 -31.35 10.45
N ALA A 182 -21.70 -32.28 9.55
CA ALA A 182 -21.35 -33.66 9.78
C ALA A 182 -19.85 -33.82 9.71
N VAL A 183 -19.34 -34.82 10.39
CA VAL A 183 -17.91 -35.05 10.41
C VAL A 183 -17.65 -36.48 9.94
N LEU A 184 -16.55 -36.66 9.21
CA LEU A 184 -16.12 -37.98 8.78
C LEU A 184 -15.73 -38.78 10.00
N GLN A 185 -16.56 -39.75 10.34
CA GLN A 185 -16.20 -40.71 11.36
C GLN A 185 -15.02 -41.52 10.87
N SER A 186 -14.13 -41.91 11.79
CA SER A 186 -12.88 -42.55 11.41
C SER A 186 -13.10 -43.94 10.82
N SER A 187 -14.25 -44.57 11.07
CA SER A 187 -14.59 -45.86 10.51
C SER A 187 -15.30 -45.75 9.17
N GLY A 188 -15.13 -44.64 8.46
CA GLY A 188 -15.72 -44.48 7.14
C GLY A 188 -17.18 -44.10 7.14
N LEU A 189 -17.73 -43.66 8.25
CA LEU A 189 -19.13 -43.28 8.32
C LEU A 189 -19.24 -41.79 8.62
N TYR A 190 -20.43 -41.36 9.01
CA TYR A 190 -20.67 -39.97 9.33
C TYR A 190 -21.43 -39.87 10.65
N SER A 191 -21.24 -38.74 11.33
CA SER A 191 -21.88 -38.47 12.60
C SER A 191 -22.17 -36.99 12.71
N LEU A 192 -23.30 -36.65 13.30
CA LEU A 192 -23.80 -35.28 13.30
C LEU A 192 -24.54 -35.03 14.61
N SER A 193 -24.56 -33.78 15.01
CA SER A 193 -25.11 -33.41 16.29
C SER A 193 -26.00 -32.19 16.12
N SER A 194 -27.12 -32.15 16.84
CA SER A 194 -27.92 -30.95 16.84
C SER A 194 -28.39 -30.68 18.25
N VAL A 195 -28.60 -29.41 18.57
CA VAL A 195 -28.99 -29.03 19.92
C VAL A 195 -29.82 -27.76 19.84
N VAL A 196 -30.87 -27.71 20.64
CA VAL A 196 -31.64 -26.49 20.85
C VAL A 196 -31.40 -26.03 22.26
N THR A 197 -31.51 -24.72 22.47
CA THR A 197 -31.24 -24.17 23.78
C THR A 197 -32.53 -23.65 24.39
N VAL A 198 -33.46 -24.56 24.65
CA VAL A 198 -34.80 -24.22 25.11
C VAL A 198 -34.74 -23.66 26.54
N PRO A 199 -35.20 -22.44 26.76
CA PRO A 199 -35.04 -21.81 28.07
C PRO A 199 -36.12 -22.19 29.05
N SER A 200 -35.74 -22.92 30.08
CA SER A 200 -36.41 -23.01 31.37
C SER A 200 -37.83 -23.55 31.32
N SER A 201 -38.55 -23.29 32.42
CA SER A 201 -39.88 -23.82 32.70
C SER A 201 -39.91 -25.35 32.60
N SER A 202 -38.84 -25.98 33.13
CA SER A 202 -38.59 -27.42 33.07
C SER A 202 -38.63 -27.93 31.63
N LEU A 203 -37.94 -27.19 30.76
CA LEU A 203 -37.93 -27.39 29.31
C LEU A 203 -39.33 -27.37 28.71
N GLY A 204 -40.21 -26.56 29.26
CA GLY A 204 -41.58 -26.45 28.81
C GLY A 204 -42.43 -27.67 29.07
N THR A 205 -41.91 -28.65 29.82
CA THR A 205 -42.39 -30.03 29.98
C THR A 205 -43.12 -30.58 28.76
N GLN A 206 -42.49 -30.48 27.58
CA GLN A 206 -43.03 -30.99 26.32
C GLN A 206 -42.06 -32.00 25.76
N THR A 207 -42.54 -33.23 25.52
CA THR A 207 -41.72 -34.31 25.01
C THR A 207 -41.30 -34.02 23.57
N TYR A 208 -40.19 -33.30 23.42
CA TYR A 208 -39.73 -32.89 22.10
C TYR A 208 -39.25 -34.08 21.30
N ILE A 209 -39.39 -33.96 19.99
CA ILE A 209 -39.07 -35.05 19.09
C ILE A 209 -38.09 -34.54 18.05
N CYS A 210 -37.02 -35.28 17.87
CA CYS A 210 -36.12 -35.07 16.75
C CYS A 210 -36.54 -36.02 15.64
N ASN A 211 -36.92 -35.47 14.50
CA ASN A 211 -37.36 -36.26 13.37
C ASN A 211 -36.25 -36.27 12.34
N VAL A 212 -35.67 -37.42 12.10
CA VAL A 212 -34.56 -37.52 11.16
C VAL A 212 -35.10 -37.96 9.82
N ASN A 213 -34.37 -37.60 8.77
CA ASN A 213 -34.69 -37.99 7.40
C ASN A 213 -33.40 -38.25 6.66
N HIS A 214 -33.25 -39.47 6.17
CA HIS A 214 -32.08 -39.85 5.38
C HIS A 214 -32.57 -40.67 4.21
N LYS A 215 -32.85 -39.98 3.10
CA LYS A 215 -33.49 -40.60 1.94
C LYS A 215 -32.67 -41.67 1.22
N PRO A 216 -31.33 -41.69 1.23
CA PRO A 216 -30.64 -42.92 0.78
C PRO A 216 -30.92 -44.14 1.64
N SER A 217 -31.39 -43.95 2.87
CA SER A 217 -31.88 -45.05 3.67
C SER A 217 -33.37 -44.92 3.94
N ASN A 218 -34.02 -43.86 3.44
CA ASN A 218 -35.43 -43.48 3.59
C ASN A 218 -36.01 -43.71 4.98
N THR A 219 -35.24 -43.46 6.02
CA THR A 219 -35.67 -43.69 7.38
C THR A 219 -36.21 -42.42 8.02
N LYS A 220 -37.07 -42.62 9.02
CA LYS A 220 -37.80 -41.52 9.66
C LYS A 220 -37.97 -41.83 11.15
N VAL A 221 -36.86 -41.83 11.88
CA VAL A 221 -36.96 -41.99 13.33
C VAL A 221 -37.40 -40.67 13.93
N ASP A 222 -38.38 -40.74 14.83
CA ASP A 222 -38.93 -39.58 15.53
C ASP A 222 -38.65 -39.77 17.02
N LYS A 223 -37.41 -39.53 17.42
CA LYS A 223 -37.00 -39.83 18.78
C LYS A 223 -37.50 -38.77 19.75
N LYS A 224 -37.60 -39.17 21.01
CA LYS A 224 -38.20 -38.38 22.07
C LYS A 224 -37.13 -38.05 23.10
N VAL A 225 -37.05 -36.78 23.50
CA VAL A 225 -36.07 -36.34 24.47
C VAL A 225 -36.80 -35.71 25.65
N GLU A 226 -36.27 -35.92 26.86
CA GLU A 226 -36.86 -35.35 28.06
C GLU A 226 -35.78 -35.24 29.12
N PRO A 227 -35.87 -34.26 30.03
CA PRO A 227 -34.83 -34.11 31.05
C PRO A 227 -34.91 -35.20 32.10
N LYS A 228 -33.77 -35.48 32.71
CA LYS A 228 -33.66 -36.57 33.66
C LYS A 228 -34.14 -36.11 35.03
N GLN B 3 9.15 -17.61 33.65
CA GLN B 3 10.36 -16.83 33.42
C GLN B 3 10.04 -15.40 32.99
N VAL B 4 8.78 -15.00 33.12
CA VAL B 4 8.37 -13.63 32.83
C VAL B 4 7.67 -13.05 34.04
N GLN B 5 7.50 -11.74 34.01
CA GLN B 5 6.65 -11.00 34.94
C GLN B 5 6.19 -9.75 34.22
N LEU B 6 4.93 -9.37 34.41
CA LEU B 6 4.36 -8.26 33.67
C LEU B 6 3.82 -7.21 34.63
N GLN B 7 4.12 -5.95 34.34
CA GLN B 7 3.75 -4.86 35.21
C GLN B 7 2.92 -3.83 34.44
N GLU B 8 2.23 -3.00 35.20
CA GLU B 8 1.34 -1.96 34.71
C GLU B 8 1.74 -0.64 35.35
N SER B 9 0.98 0.40 35.05
CA SER B 9 1.24 1.73 35.60
C SER B 9 -0.10 2.37 35.94
N GLY B 10 -0.09 3.68 36.15
CA GLY B 10 -1.32 4.40 36.38
C GLY B 10 -1.85 4.24 37.79
N GLY B 11 -3.01 4.85 38.02
CA GLY B 11 -3.69 4.81 39.30
C GLY B 11 -4.48 6.08 39.50
N GLY B 12 -4.76 6.38 40.76
CA GLY B 12 -5.40 7.62 41.11
C GLY B 12 -6.86 7.44 41.43
N LEU B 13 -7.38 8.34 42.26
CA LEU B 13 -8.80 8.38 42.59
C LEU B 13 -9.49 9.31 41.60
N VAL B 14 -10.01 8.73 40.52
CA VAL B 14 -10.51 9.52 39.40
C VAL B 14 -11.93 10.03 39.68
N GLN B 15 -12.58 10.58 38.65
CA GLN B 15 -13.78 11.39 38.82
C GLN B 15 -14.91 10.93 37.89
N PRO B 16 -16.20 11.27 38.25
CA PRO B 16 -17.34 10.91 37.38
C PRO B 16 -17.31 11.52 35.99
N GLY B 17 -16.79 10.78 35.03
CA GLY B 17 -16.70 11.20 33.66
C GLY B 17 -15.30 11.45 33.15
N GLY B 18 -14.27 10.96 33.84
CA GLY B 18 -12.90 11.30 33.56
C GLY B 18 -12.27 10.47 32.44
N SER B 19 -10.96 10.68 32.28
CA SER B 19 -10.19 9.96 31.27
C SER B 19 -8.88 9.50 31.85
N LEU B 20 -8.31 8.46 31.24
CA LEU B 20 -7.00 7.98 31.61
C LEU B 20 -6.40 7.28 30.41
N ARG B 21 -5.11 6.98 30.50
CA ARG B 21 -4.43 6.20 29.47
C ARG B 21 -3.65 5.14 30.22
N LEU B 22 -4.31 4.02 30.48
CA LEU B 22 -3.72 2.94 31.25
C LEU B 22 -2.61 2.28 30.46
N SER B 23 -1.63 1.75 31.18
CA SER B 23 -0.49 1.16 30.50
C SER B 23 -0.10 -0.13 31.18
N CYS B 24 0.41 -1.06 30.36
CA CYS B 24 1.08 -2.26 30.85
C CYS B 24 2.37 -2.41 30.08
N ALA B 25 3.49 -2.31 30.77
CA ALA B 25 4.80 -2.44 30.15
C ALA B 25 5.35 -3.82 30.43
N ALA B 26 5.83 -4.49 29.39
CA ALA B 26 6.37 -5.81 29.58
C ALA B 26 7.71 -5.74 30.30
N SER B 27 8.10 -6.87 30.88
CA SER B 27 9.37 -6.94 31.59
C SER B 27 9.90 -8.36 31.47
N GLY B 28 11.18 -8.46 31.10
CA GLY B 28 11.82 -9.75 30.94
C GLY B 28 11.53 -10.43 29.64
N ARG B 29 10.63 -9.89 28.82
CA ARG B 29 10.19 -10.58 27.63
C ARG B 29 9.57 -9.59 26.66
N THR B 30 9.71 -9.90 25.37
CA THR B 30 8.99 -9.21 24.32
C THR B 30 7.56 -9.72 24.25
N ILE B 31 6.79 -9.17 23.31
CA ILE B 31 5.35 -9.38 23.27
C ILE B 31 4.95 -9.91 21.90
N SER B 32 5.77 -9.60 20.90
CA SER B 32 5.40 -9.64 19.47
C SER B 32 4.93 -11.01 18.99
N ARG B 33 5.30 -12.08 19.68
CA ARG B 33 4.75 -13.40 19.36
C ARG B 33 3.42 -13.68 20.04
N TYR B 34 3.05 -12.92 21.05
CA TYR B 34 1.85 -13.21 21.81
C TYR B 34 0.71 -12.28 21.40
N ALA B 35 -0.38 -12.37 22.16
CA ALA B 35 -1.42 -11.36 22.17
C ALA B 35 -1.64 -10.97 23.62
N MET B 36 -2.12 -9.74 23.82
CA MET B 36 -2.23 -9.22 25.18
C MET B 36 -3.64 -8.73 25.42
N SER B 37 -4.19 -9.05 26.58
CA SER B 37 -5.56 -8.69 26.88
C SER B 37 -5.64 -7.95 28.19
N TRP B 38 -6.46 -6.90 28.22
CA TRP B 38 -6.65 -6.07 29.38
C TRP B 38 -7.92 -6.51 30.09
N PHE B 39 -7.78 -6.93 31.33
CA PHE B 39 -8.86 -7.41 32.16
C PHE B 39 -9.22 -6.38 33.22
N ARG B 40 -10.26 -6.70 33.97
CA ARG B 40 -10.79 -5.85 35.01
C ARG B 40 -10.94 -6.67 36.28
N GLN B 41 -11.33 -5.99 37.36
CA GLN B 41 -11.58 -6.64 38.65
C GLN B 41 -12.42 -5.69 39.50
N ALA B 42 -13.78 -5.77 39.34
CA ALA B 42 -14.75 -5.01 40.12
C ALA B 42 -15.38 -5.90 41.16
N PRO B 43 -15.49 -5.44 42.40
CA PRO B 43 -16.24 -6.20 43.41
C PRO B 43 -17.70 -6.33 43.02
N GLY B 44 -18.24 -7.53 43.24
CA GLY B 44 -19.55 -7.89 42.74
C GLY B 44 -19.45 -9.00 41.72
N LYS B 45 -18.57 -8.82 40.73
CA LYS B 45 -18.31 -9.85 39.73
C LYS B 45 -16.91 -9.69 39.11
N GLU B 46 -15.88 -10.23 39.76
CA GLU B 46 -14.51 -9.96 39.37
C GLU B 46 -14.11 -10.72 38.11
N ARG B 47 -12.83 -10.57 37.73
CA ARG B 47 -12.12 -11.25 36.64
C ARG B 47 -12.70 -10.99 35.26
N GLU B 48 -13.57 -10.00 35.12
CA GLU B 48 -14.36 -9.86 33.91
C GLU B 48 -13.52 -9.37 32.76
N PHE B 49 -14.05 -9.53 31.56
CA PHE B 49 -13.30 -9.22 30.36
C PHE B 49 -13.49 -7.75 30.00
N VAL B 50 -12.44 -7.16 29.45
CA VAL B 50 -12.54 -5.84 28.85
C VAL B 50 -12.11 -5.93 27.39
N ALA B 51 -10.82 -6.17 27.15
CA ALA B 51 -10.34 -5.95 25.80
C ALA B 51 -9.21 -6.90 25.48
N VAL B 52 -8.94 -7.04 24.18
CA VAL B 52 -7.85 -7.90 23.72
C VAL B 52 -7.27 -7.30 22.46
N ALA B 53 -5.94 -7.30 22.35
CA ALA B 53 -5.25 -6.89 21.15
C ALA B 53 -4.31 -8.02 20.73
N ARG B 54 -4.19 -8.22 19.43
CA ARG B 54 -3.47 -9.38 18.93
C ARG B 54 -1.99 -9.09 18.81
N ARG B 55 -1.48 -9.03 17.58
CA ARG B 55 -0.07 -8.69 17.37
C ARG B 55 0.16 -8.12 15.98
N SER B 56 -0.53 -8.66 14.99
CA SER B 56 -0.17 -8.44 13.59
C SER B 56 -0.94 -7.31 12.94
N GLY B 57 -1.64 -6.49 13.72
CA GLY B 57 -2.45 -5.45 13.13
C GLY B 57 -3.75 -5.94 12.55
N ASP B 58 -4.10 -7.21 12.78
CA ASP B 58 -5.33 -7.81 12.30
C ASP B 58 -6.55 -7.34 13.05
N GLY B 59 -6.39 -6.64 14.16
CA GLY B 59 -7.52 -6.08 14.87
C GLY B 59 -7.43 -6.20 16.37
N ALA B 60 -8.43 -5.68 17.05
CA ALA B 60 -8.50 -5.75 18.50
C ALA B 60 -9.96 -5.70 18.89
N PHE B 61 -10.32 -6.48 19.90
CA PHE B 61 -11.72 -6.62 20.27
C PHE B 61 -11.92 -6.07 21.66
N TYR B 62 -13.17 -5.75 21.98
CA TYR B 62 -13.53 -5.21 23.26
C TYR B 62 -14.79 -5.92 23.71
N ALA B 63 -15.19 -5.67 24.94
CA ALA B 63 -16.40 -6.28 25.46
C ALA B 63 -17.62 -5.50 24.99
N ASP B 64 -18.77 -5.76 25.60
CA ASP B 64 -19.96 -5.01 25.24
C ASP B 64 -20.02 -3.66 25.96
N SER B 65 -19.82 -3.67 27.28
CA SER B 65 -20.01 -2.48 28.09
C SER B 65 -18.92 -1.44 27.90
N VAL B 66 -17.79 -1.80 27.30
CA VAL B 66 -16.66 -0.88 27.19
C VAL B 66 -16.33 -0.54 25.75
N GLN B 67 -17.12 -1.00 24.79
CA GLN B 67 -16.76 -0.84 23.39
C GLN B 67 -16.92 0.60 22.95
N GLY B 68 -15.91 1.12 22.27
CA GLY B 68 -15.91 2.49 21.81
C GLY B 68 -15.40 3.47 22.84
N ARG B 69 -15.93 3.38 24.06
CA ARG B 69 -15.48 4.27 25.11
C ARG B 69 -14.07 3.94 25.61
N PHE B 70 -13.57 2.73 25.34
CA PHE B 70 -12.15 2.42 25.51
C PHE B 70 -11.53 2.17 24.15
N THR B 71 -10.21 2.18 24.12
CA THR B 71 -9.50 1.92 22.86
C THR B 71 -8.10 1.40 23.19
N VAL B 72 -7.73 0.25 22.67
CA VAL B 72 -6.45 -0.38 22.97
C VAL B 72 -5.46 -0.09 21.86
N SER B 73 -4.30 0.45 22.22
CA SER B 73 -3.17 0.59 21.33
C SER B 73 -2.01 -0.24 21.86
N ARG B 74 -1.06 -0.52 20.98
CA ARG B 74 0.02 -1.44 21.29
C ARG B 74 1.33 -0.86 20.78
N ASP B 75 2.40 -1.03 21.55
CA ASP B 75 3.75 -0.63 21.13
C ASP B 75 4.68 -1.82 21.32
N ASP B 76 5.03 -2.46 20.21
CA ASP B 76 5.86 -3.66 20.27
C ASP B 76 7.32 -3.32 20.56
N ALA B 77 7.75 -2.11 20.19
CA ALA B 77 9.13 -1.71 20.41
C ALA B 77 9.42 -1.52 21.90
N LYS B 78 8.56 -0.79 22.60
CA LYS B 78 8.67 -0.67 24.03
C LYS B 78 7.90 -1.77 24.76
N ASN B 79 7.16 -2.61 24.02
CA ASN B 79 6.38 -3.73 24.56
C ASN B 79 5.40 -3.26 25.63
N THR B 80 4.68 -2.19 25.32
CA THR B 80 3.77 -1.56 26.26
C THR B 80 2.43 -1.33 25.58
N VAL B 81 1.35 -1.66 26.27
CA VAL B 81 0.01 -1.63 25.69
C VAL B 81 -0.82 -0.65 26.49
N TYR B 82 -1.51 0.23 25.77
CA TYR B 82 -2.15 1.40 26.34
C TYR B 82 -3.66 1.27 26.15
N LEU B 83 -4.39 1.36 27.24
CA LEU B 83 -5.85 1.33 27.21
C LEU B 83 -6.30 2.76 27.39
N GLN B 84 -6.70 3.40 26.28
CA GLN B 84 -7.28 4.73 26.36
C GLN B 84 -8.68 4.63 26.93
N MET B 85 -8.92 5.38 28.01
CA MET B 85 -10.09 5.28 28.85
C MET B 85 -10.84 6.60 28.74
N ASN B 86 -11.95 6.58 28.03
CA ASN B 86 -12.80 7.74 27.81
C ASN B 86 -14.18 7.46 28.35
N SER B 87 -14.92 8.53 28.66
CA SER B 87 -16.32 8.48 29.11
C SER B 87 -16.48 7.61 30.34
N LEU B 88 -15.57 7.76 31.29
CA LEU B 88 -15.53 6.90 32.46
C LEU B 88 -16.75 7.12 33.34
N LYS B 89 -17.81 6.39 33.03
CA LYS B 89 -19.00 6.37 33.87
C LYS B 89 -18.64 5.74 35.22
N PRO B 90 -19.30 6.15 36.31
CA PRO B 90 -18.90 5.67 37.64
C PRO B 90 -19.20 4.21 37.94
N GLU B 91 -19.82 3.46 37.03
CA GLU B 91 -19.98 2.03 37.20
C GLU B 91 -18.79 1.25 36.68
N ASP B 92 -17.64 1.89 36.57
CA ASP B 92 -16.40 1.26 36.15
C ASP B 92 -15.40 1.16 37.29
N THR B 93 -15.88 1.19 38.52
CA THR B 93 -15.06 1.07 39.71
C THR B 93 -14.46 -0.31 39.75
N ALA B 94 -13.20 -0.43 39.31
CA ALA B 94 -12.57 -1.72 39.21
C ALA B 94 -11.06 -1.59 39.18
N VAL B 95 -10.37 -2.51 39.83
CA VAL B 95 -8.95 -2.69 39.60
C VAL B 95 -8.77 -3.17 38.16
N TYR B 96 -7.65 -2.84 37.53
CA TYR B 96 -7.43 -3.24 36.16
C TYR B 96 -6.21 -4.16 36.10
N TYR B 97 -6.25 -5.14 35.21
CA TYR B 97 -5.20 -6.13 35.09
C TYR B 97 -4.64 -6.18 33.69
N CYS B 98 -3.35 -6.40 33.58
CA CYS B 98 -2.70 -6.74 32.34
C CYS B 98 -2.55 -8.25 32.27
N ALA B 99 -2.88 -8.85 31.13
CA ALA B 99 -2.87 -10.31 31.10
C ALA B 99 -2.39 -10.80 29.76
N ILE B 100 -1.85 -12.01 29.76
CA ILE B 100 -0.99 -12.46 28.69
C ILE B 100 -1.26 -13.93 28.38
N ASP B 101 -1.27 -14.27 27.11
CA ASP B 101 -1.43 -15.64 26.65
C ASP B 101 -0.09 -16.32 26.54
N SER B 102 -0.04 -17.60 26.93
CA SER B 102 1.16 -18.39 26.74
C SER B 102 1.24 -18.99 25.34
N ASP B 103 0.15 -18.97 24.58
CA ASP B 103 0.09 -19.59 23.28
C ASP B 103 -0.17 -18.54 22.22
N THR B 104 0.54 -18.65 21.09
CA THR B 104 0.37 -17.69 20.02
C THR B 104 -0.88 -17.92 19.19
N PHE B 105 -1.58 -19.04 19.41
CA PHE B 105 -2.76 -19.35 18.63
C PHE B 105 -4.04 -18.87 19.28
N TYR B 106 -3.94 -17.90 20.18
CA TYR B 106 -5.08 -17.13 20.71
C TYR B 106 -6.11 -18.02 21.40
N SER B 107 -5.62 -19.01 22.14
CA SER B 107 -6.53 -19.87 22.87
C SER B 107 -6.99 -19.26 24.18
N GLY B 108 -6.43 -18.13 24.58
CA GLY B 108 -6.80 -17.55 25.84
C GLY B 108 -6.16 -18.18 27.04
N SER B 109 -5.09 -18.96 26.86
CA SER B 109 -4.39 -19.57 27.98
C SER B 109 -3.66 -18.51 28.77
N TYR B 110 -4.36 -17.91 29.73
CA TYR B 110 -3.84 -16.77 30.45
C TYR B 110 -3.25 -17.20 31.78
N ASP B 111 -2.12 -16.60 32.12
CA ASP B 111 -1.34 -17.04 33.28
C ASP B 111 -0.99 -15.86 34.19
N TYR B 112 -0.29 -14.87 33.65
CA TYR B 112 0.37 -13.84 34.44
C TYR B 112 -0.44 -12.55 34.48
N TRP B 113 -0.50 -11.94 35.66
CA TRP B 113 -1.45 -10.88 35.97
C TRP B 113 -0.79 -9.56 36.34
N GLY B 114 0.19 -9.58 37.20
CA GLY B 114 0.59 -8.35 37.85
C GLY B 114 -0.33 -8.09 39.03
N GLN B 115 -0.15 -6.92 39.64
CA GLN B 115 -0.87 -6.61 40.86
C GLN B 115 -1.72 -5.35 40.73
N GLY B 116 -2.23 -5.09 39.55
CA GLY B 116 -3.38 -4.22 39.45
C GLY B 116 -3.02 -2.75 39.36
N THR B 117 -3.90 -2.01 38.69
CA THR B 117 -3.98 -0.56 38.77
C THR B 117 -5.30 -0.22 39.43
N GLN B 118 -5.24 0.54 40.51
CA GLN B 118 -6.44 0.75 41.31
C GLN B 118 -7.17 1.99 40.80
N VAL B 119 -8.11 1.77 39.89
CA VAL B 119 -8.90 2.85 39.30
C VAL B 119 -10.31 2.75 39.87
N THR B 120 -10.66 3.65 40.77
CA THR B 120 -11.98 3.67 41.36
C THR B 120 -12.61 5.04 41.12
N VAL B 121 -13.85 5.04 40.62
CA VAL B 121 -14.51 6.27 40.20
C VAL B 121 -15.54 6.64 41.26
N SER B 122 -15.06 7.28 42.33
CA SER B 122 -15.86 7.73 43.48
C SER B 122 -16.70 6.64 44.12
N ASP C 2 5.14 -25.27 -9.62
CA ASP C 2 6.49 -25.07 -9.15
C ASP C 2 6.57 -23.91 -8.18
N ILE C 3 6.11 -22.75 -8.61
CA ILE C 3 6.26 -21.56 -7.79
C ILE C 3 5.22 -21.57 -6.69
N GLN C 4 5.55 -20.94 -5.57
CA GLN C 4 4.74 -20.98 -4.38
C GLN C 4 4.05 -19.64 -4.17
N MET C 5 2.78 -19.70 -3.80
CA MET C 5 1.98 -18.50 -3.56
C MET C 5 1.59 -18.50 -2.11
N THR C 6 2.00 -17.47 -1.38
CA THR C 6 1.71 -17.33 0.04
C THR C 6 0.81 -16.13 0.24
N GLN C 7 -0.22 -16.31 1.06
CA GLN C 7 -1.24 -15.31 1.29
C GLN C 7 -1.38 -15.12 2.79
N SER C 8 -1.11 -13.92 3.26
CA SER C 8 -0.81 -13.75 4.67
C SER C 8 -2.01 -13.50 5.59
N PRO C 9 -2.89 -12.49 5.36
CA PRO C 9 -3.90 -12.29 6.43
C PRO C 9 -5.05 -13.30 6.38
N SER C 10 -4.73 -14.50 6.85
CA SER C 10 -5.52 -15.70 6.58
C SER C 10 -6.89 -15.72 7.22
N SER C 11 -7.19 -14.80 8.13
CA SER C 11 -8.53 -14.69 8.70
C SER C 11 -8.70 -13.27 9.19
N LEU C 12 -9.71 -12.56 8.70
CA LEU C 12 -9.84 -11.14 9.00
C LEU C 12 -11.19 -10.85 9.59
N SER C 13 -11.20 -10.26 10.79
CA SER C 13 -12.40 -9.73 11.40
C SER C 13 -12.47 -8.25 11.08
N ALA C 14 -13.55 -7.83 10.43
CA ALA C 14 -13.69 -6.44 10.03
C ALA C 14 -15.14 -6.03 10.12
N SER C 15 -15.37 -4.82 10.63
CA SER C 15 -16.71 -4.28 10.75
C SER C 15 -17.24 -3.87 9.38
N VAL C 16 -18.52 -3.52 9.35
CA VAL C 16 -19.17 -3.13 8.12
C VAL C 16 -18.67 -1.75 7.70
N GLY C 17 -18.32 -1.61 6.43
CA GLY C 17 -17.86 -0.34 5.94
C GLY C 17 -16.43 0.00 6.27
N ASP C 18 -15.60 -0.99 6.55
CA ASP C 18 -14.21 -0.75 6.89
C ASP C 18 -13.33 -0.92 5.66
N ARG C 19 -12.03 -0.80 5.86
CA ARG C 19 -11.02 -0.92 4.80
C ARG C 19 -10.11 -2.09 5.09
N VAL C 20 -10.06 -3.05 4.18
CA VAL C 20 -9.28 -4.27 4.37
C VAL C 20 -8.25 -4.39 3.26
N THR C 21 -7.10 -4.93 3.61
CA THR C 21 -6.05 -5.22 2.63
C THR C 21 -5.63 -6.67 2.77
N ILE C 22 -5.65 -7.41 1.67
CA ILE C 22 -5.16 -8.78 1.63
C ILE C 22 -3.97 -8.82 0.71
N THR C 23 -2.83 -9.26 1.23
CA THR C 23 -1.60 -9.31 0.48
C THR C 23 -1.39 -10.69 -0.12
N CYS C 24 -0.33 -10.80 -0.90
CA CYS C 24 0.04 -12.03 -1.58
C CYS C 24 1.49 -11.91 -1.99
N ARG C 25 2.22 -13.01 -1.91
CA ARG C 25 3.64 -12.96 -2.23
C ARG C 25 4.01 -14.14 -3.11
N ALA C 26 4.63 -13.88 -4.24
CA ALA C 26 5.06 -14.93 -5.13
C ALA C 26 6.45 -15.40 -4.73
N SER C 27 6.68 -16.71 -4.83
CA SER C 27 7.99 -17.25 -4.49
C SER C 27 9.04 -16.85 -5.52
N GLN C 28 8.73 -17.01 -6.79
CA GLN C 28 9.62 -16.56 -7.84
C GLN C 28 9.25 -15.14 -8.22
N SER C 29 9.72 -14.69 -9.36
CA SER C 29 9.39 -13.37 -9.86
C SER C 29 8.45 -13.57 -11.03
N VAL C 30 7.16 -13.66 -10.74
CA VAL C 30 6.18 -13.55 -11.81
C VAL C 30 6.18 -12.11 -12.27
N SER C 31 5.88 -11.90 -13.54
CA SER C 31 5.60 -10.54 -13.99
C SER C 31 4.16 -10.20 -13.61
N SER C 32 3.62 -9.13 -14.17
CA SER C 32 2.28 -8.69 -13.81
C SER C 32 1.21 -9.67 -14.25
N ALA C 33 1.10 -10.79 -13.54
CA ALA C 33 0.29 -11.90 -13.99
C ALA C 33 -0.24 -12.62 -12.74
N VAL C 34 -1.27 -12.04 -12.16
CA VAL C 34 -1.86 -12.58 -10.94
C VAL C 34 -3.30 -12.09 -10.91
N ALA C 35 -4.16 -12.83 -10.24
CA ALA C 35 -5.58 -12.57 -10.26
C ALA C 35 -6.12 -12.78 -8.86
N TRP C 36 -7.26 -12.17 -8.58
CA TRP C 36 -7.92 -12.32 -7.31
C TRP C 36 -9.34 -12.77 -7.55
N TYR C 37 -9.74 -13.81 -6.83
CA TYR C 37 -11.03 -14.44 -7.01
C TYR C 37 -11.83 -14.33 -5.73
N GLN C 38 -13.14 -14.22 -5.87
CA GLN C 38 -14.05 -14.32 -4.74
C GLN C 38 -14.81 -15.62 -4.86
N GLN C 39 -14.85 -16.39 -3.79
CA GLN C 39 -15.72 -17.55 -3.69
C GLN C 39 -16.61 -17.38 -2.47
N LYS C 40 -17.84 -17.38 -2.69
CA LYS C 40 -18.88 -17.48 -1.68
C LYS C 40 -19.17 -18.94 -1.40
N PRO C 41 -19.53 -19.30 -0.18
CA PRO C 41 -19.66 -20.71 0.19
C PRO C 41 -20.85 -21.38 -0.47
N GLY C 42 -20.57 -22.38 -1.30
CA GLY C 42 -21.58 -23.15 -1.97
C GLY C 42 -21.53 -23.04 -3.47
N LYS C 43 -21.20 -21.86 -3.96
CA LYS C 43 -21.22 -21.60 -5.39
C LYS C 43 -19.81 -21.70 -5.97
N ALA C 44 -19.73 -21.58 -7.28
CA ALA C 44 -18.46 -21.50 -7.96
C ALA C 44 -17.82 -20.15 -7.71
N PRO C 45 -16.50 -20.05 -7.81
CA PRO C 45 -15.84 -18.75 -7.63
C PRO C 45 -16.16 -17.78 -8.74
N LYS C 46 -15.76 -16.54 -8.52
CA LYS C 46 -15.96 -15.47 -9.47
C LYS C 46 -14.65 -14.73 -9.66
N LEU C 47 -14.43 -14.23 -10.86
CA LEU C 47 -13.30 -13.35 -11.07
C LEU C 47 -13.57 -12.00 -10.39
N LEU C 48 -12.51 -11.36 -9.95
CA LEU C 48 -12.62 -10.06 -9.31
C LEU C 48 -11.56 -9.11 -9.83
N ILE C 49 -10.30 -9.55 -9.86
CA ILE C 49 -9.21 -8.72 -10.36
C ILE C 49 -8.37 -9.57 -11.31
N TYR C 50 -8.08 -9.05 -12.50
CA TYR C 50 -7.18 -9.74 -13.41
C TYR C 50 -6.07 -8.81 -13.88
N SER C 51 -4.93 -9.42 -14.16
CA SER C 51 -3.68 -8.75 -14.54
C SER C 51 -3.28 -7.73 -13.49
N ALA C 52 -3.08 -8.24 -12.28
CA ALA C 52 -2.61 -7.52 -11.10
C ALA C 52 -3.53 -6.40 -10.64
N SER C 53 -3.80 -5.41 -11.50
CA SER C 53 -4.54 -4.24 -11.08
C SER C 53 -5.80 -3.94 -11.87
N SER C 54 -5.92 -4.44 -13.09
CA SER C 54 -7.07 -4.14 -13.92
C SER C 54 -8.33 -4.80 -13.37
N LEU C 55 -9.44 -4.11 -13.48
CA LEU C 55 -10.71 -4.63 -13.01
C LEU C 55 -11.40 -5.42 -14.10
N TYR C 56 -12.09 -6.47 -13.71
CA TYR C 56 -12.97 -7.19 -14.60
C TYR C 56 -14.26 -6.40 -14.77
N SER C 57 -14.95 -6.66 -15.87
CA SER C 57 -16.21 -5.97 -16.14
C SER C 57 -17.35 -6.54 -15.30
N GLY C 58 -18.08 -5.67 -14.62
CA GLY C 58 -19.28 -6.06 -13.89
C GLY C 58 -19.16 -5.90 -12.39
N VAL C 59 -17.98 -6.12 -11.83
CA VAL C 59 -17.80 -6.09 -10.37
C VAL C 59 -17.76 -4.63 -9.91
N PRO C 60 -18.19 -4.33 -8.69
CA PRO C 60 -18.15 -2.94 -8.20
C PRO C 60 -16.73 -2.46 -7.97
N SER C 61 -16.61 -1.15 -7.87
CA SER C 61 -15.33 -0.47 -7.95
C SER C 61 -14.73 -0.11 -6.60
N ARG C 62 -15.25 -0.66 -5.51
CA ARG C 62 -14.55 -0.50 -4.24
C ARG C 62 -13.31 -1.37 -4.20
N PHE C 63 -13.31 -2.49 -4.92
CA PHE C 63 -12.15 -3.36 -4.98
C PHE C 63 -11.04 -2.73 -5.80
N SER C 64 -9.80 -2.98 -5.38
CA SER C 64 -8.66 -2.51 -6.15
C SER C 64 -7.52 -3.48 -5.95
N GLY C 65 -6.59 -3.47 -6.91
CA GLY C 65 -5.41 -4.28 -6.82
C GLY C 65 -4.18 -3.47 -7.17
N SER C 66 -3.04 -3.95 -6.67
CA SER C 66 -1.79 -3.25 -6.91
C SER C 66 -0.65 -4.24 -6.82
N ARG C 67 0.48 -3.85 -7.40
CA ARG C 67 1.68 -4.67 -7.43
C ARG C 67 2.85 -3.81 -6.99
N SER C 68 3.70 -4.35 -6.13
CA SER C 68 5.00 -3.77 -5.84
C SER C 68 6.01 -4.89 -6.01
N GLY C 69 6.65 -4.93 -7.18
CA GLY C 69 7.63 -5.97 -7.48
C GLY C 69 7.01 -7.34 -7.57
N THR C 70 7.25 -8.18 -6.55
CA THR C 70 6.64 -9.49 -6.46
C THR C 70 5.60 -9.57 -5.35
N ASP C 71 5.20 -8.45 -4.78
CA ASP C 71 4.23 -8.44 -3.68
C ASP C 71 2.94 -7.79 -4.18
N PHE C 72 1.87 -8.56 -4.20
CA PHE C 72 0.62 -8.11 -4.78
C PHE C 72 -0.41 -7.90 -3.69
N THR C 73 -1.36 -7.01 -3.92
CA THR C 73 -2.26 -6.63 -2.84
C THR C 73 -3.62 -6.25 -3.38
N LEU C 74 -4.66 -6.90 -2.87
CA LEU C 74 -6.02 -6.42 -3.06
C LEU C 74 -6.40 -5.57 -1.85
N THR C 75 -7.09 -4.48 -2.11
CA THR C 75 -7.65 -3.64 -1.05
C THR C 75 -9.12 -3.40 -1.34
N ILE C 76 -9.95 -3.55 -0.32
CA ILE C 76 -11.33 -3.08 -0.39
C ILE C 76 -11.42 -1.87 0.52
N SER C 77 -11.77 -0.73 -0.08
CA SER C 77 -11.82 0.51 0.68
C SER C 77 -13.04 0.54 1.60
N SER C 78 -14.20 0.14 1.10
CA SER C 78 -15.42 0.09 1.88
C SER C 78 -15.91 -1.35 1.94
N LEU C 79 -16.07 -1.86 3.15
CA LEU C 79 -16.53 -3.23 3.31
C LEU C 79 -18.04 -3.26 3.18
N GLN C 80 -18.50 -3.66 2.01
CA GLN C 80 -19.92 -3.80 1.76
C GLN C 80 -20.45 -4.97 2.57
N PRO C 81 -21.71 -4.92 2.99
CA PRO C 81 -22.31 -6.08 3.68
C PRO C 81 -22.59 -7.28 2.81
N GLU C 82 -22.30 -7.23 1.51
CA GLU C 82 -22.35 -8.43 0.68
C GLU C 82 -21.01 -9.15 0.67
N ASP C 83 -19.92 -8.43 0.71
CA ASP C 83 -18.60 -8.97 0.44
C ASP C 83 -18.01 -9.80 1.58
N PHE C 84 -18.81 -10.58 2.28
CA PHE C 84 -18.31 -11.52 3.28
C PHE C 84 -18.17 -12.89 2.63
N ALA C 85 -16.98 -13.17 2.11
CA ALA C 85 -16.71 -14.46 1.49
C ALA C 85 -15.22 -14.77 1.56
N THR C 86 -14.71 -15.55 0.64
CA THR C 86 -13.32 -15.96 0.66
C THR C 86 -12.62 -15.42 -0.58
N TYR C 87 -11.41 -14.92 -0.43
CA TYR C 87 -10.68 -14.34 -1.54
C TYR C 87 -9.40 -15.11 -1.77
N TYR C 88 -9.25 -15.66 -2.98
CA TYR C 88 -8.11 -16.49 -3.34
C TYR C 88 -7.20 -15.72 -4.29
N CYS C 89 -5.91 -15.81 -4.04
CA CYS C 89 -4.89 -15.22 -4.90
C CYS C 89 -4.38 -16.29 -5.83
N GLN C 90 -4.31 -15.99 -7.13
CA GLN C 90 -3.97 -17.00 -8.10
C GLN C 90 -3.04 -16.43 -9.15
N GLN C 91 -1.83 -16.95 -9.24
CA GLN C 91 -0.99 -16.52 -10.35
C GLN C 91 -1.36 -17.30 -11.60
N TYR C 92 -0.79 -16.86 -12.71
CA TYR C 92 -0.81 -17.64 -13.94
C TYR C 92 0.44 -17.25 -14.69
N LEU C 93 1.04 -18.20 -15.39
CA LEU C 93 2.23 -17.82 -16.13
C LEU C 93 2.28 -18.60 -17.42
N TYR C 94 2.51 -19.89 -17.35
CA TYR C 94 2.18 -20.72 -18.49
C TYR C 94 0.86 -21.38 -18.16
N TYR C 95 0.36 -22.24 -19.04
CA TYR C 95 -0.91 -22.88 -18.75
C TYR C 95 -0.75 -23.92 -17.67
N SER C 96 0.35 -24.64 -17.67
CA SER C 96 0.49 -25.74 -16.75
C SER C 96 1.13 -25.36 -15.43
N LEU C 97 1.25 -24.06 -15.13
CA LEU C 97 1.90 -23.63 -13.90
C LEU C 97 0.97 -22.84 -13.01
N VAL C 98 -0.34 -22.98 -13.15
CA VAL C 98 -1.25 -22.14 -12.41
C VAL C 98 -1.35 -22.66 -10.98
N THR C 99 -1.03 -21.81 -10.01
CA THR C 99 -1.15 -22.15 -8.61
C THR C 99 -1.98 -21.11 -7.88
N PHE C 100 -2.62 -21.53 -6.81
CA PHE C 100 -3.54 -20.70 -6.07
C PHE C 100 -2.99 -20.47 -4.66
N GLY C 101 -3.42 -19.38 -4.05
CA GLY C 101 -3.08 -19.09 -2.68
C GLY C 101 -3.93 -19.89 -1.71
N GLN C 102 -3.71 -19.63 -0.43
CA GLN C 102 -4.47 -20.33 0.60
C GLN C 102 -5.90 -19.85 0.66
N GLY C 103 -6.11 -18.57 0.49
CA GLY C 103 -7.45 -18.02 0.64
C GLY C 103 -7.69 -17.51 2.03
N THR C 104 -8.17 -16.28 2.12
CA THR C 104 -8.45 -15.65 3.39
C THR C 104 -9.95 -15.47 3.55
N LYS C 105 -10.43 -15.60 4.77
CA LYS C 105 -11.84 -15.42 5.05
C LYS C 105 -12.04 -14.10 5.78
N VAL C 106 -13.01 -13.32 5.33
CA VAL C 106 -13.37 -12.07 6.00
C VAL C 106 -14.61 -12.31 6.84
N GLU C 107 -14.67 -11.66 8.00
CA GLU C 107 -15.65 -11.99 9.02
C GLU C 107 -16.24 -10.72 9.60
N ILE C 108 -17.43 -10.86 10.18
CA ILE C 108 -18.13 -9.75 10.80
C ILE C 108 -17.50 -9.46 12.16
N LYS C 109 -17.16 -8.21 12.40
CA LYS C 109 -16.72 -7.81 13.74
C LYS C 109 -17.88 -7.86 14.70
N ARG C 110 -17.65 -8.42 15.88
CA ARG C 110 -18.71 -8.62 16.86
C ARG C 110 -18.06 -8.53 18.23
N THR C 111 -18.83 -8.08 19.21
CA THR C 111 -18.29 -7.86 20.52
C THR C 111 -18.12 -9.18 21.28
N VAL C 112 -17.01 -9.31 21.98
CA VAL C 112 -16.58 -10.59 22.55
C VAL C 112 -17.51 -11.05 23.65
N ALA C 113 -18.01 -12.27 23.53
CA ALA C 113 -18.78 -12.92 24.57
C ALA C 113 -18.20 -14.29 24.83
N ALA C 114 -18.34 -14.74 26.04
CA ALA C 114 -17.80 -15.98 26.54
C ALA C 114 -18.73 -17.14 26.21
N PRO C 115 -18.19 -18.34 26.06
CA PRO C 115 -19.02 -19.51 25.82
C PRO C 115 -19.88 -19.89 27.00
N SER C 116 -20.93 -20.63 26.72
CA SER C 116 -21.71 -21.35 27.72
C SER C 116 -21.54 -22.84 27.46
N VAL C 117 -21.16 -23.59 28.48
CA VAL C 117 -20.63 -24.94 28.29
C VAL C 117 -21.53 -25.95 28.96
N PHE C 118 -22.00 -26.92 28.20
CA PHE C 118 -22.90 -27.95 28.71
C PHE C 118 -22.35 -29.31 28.34
N ILE C 119 -22.27 -30.23 29.31
CA ILE C 119 -21.73 -31.56 29.04
C ILE C 119 -22.85 -32.59 29.07
N PHE C 120 -23.00 -33.31 27.98
CA PHE C 120 -24.03 -34.32 27.93
C PHE C 120 -23.41 -35.69 28.02
N PRO C 121 -23.93 -36.51 28.93
CA PRO C 121 -23.39 -37.85 29.20
C PRO C 121 -23.75 -38.81 28.08
N PRO C 122 -23.32 -40.07 28.11
CA PRO C 122 -23.86 -41.01 27.13
C PRO C 122 -25.31 -41.32 27.42
N SER C 123 -26.00 -41.76 26.37
CA SER C 123 -27.42 -42.02 26.47
C SER C 123 -27.70 -43.26 27.30
N ASP C 124 -28.98 -43.52 27.51
CA ASP C 124 -29.41 -44.82 28.02
C ASP C 124 -29.80 -45.75 26.89
N SER C 125 -29.28 -45.51 25.69
CA SER C 125 -29.40 -46.48 24.62
C SER C 125 -28.04 -46.84 24.06
N GLN C 126 -27.10 -45.90 24.10
CA GLN C 126 -25.76 -46.18 23.61
C GLN C 126 -25.02 -47.18 24.47
N LEU C 127 -25.41 -47.30 25.74
CA LEU C 127 -24.80 -48.31 26.60
C LEU C 127 -25.18 -49.71 26.16
N LYS C 128 -26.38 -49.88 25.59
CA LYS C 128 -26.79 -51.19 25.13
C LYS C 128 -26.03 -51.61 23.87
N SER C 129 -25.59 -50.65 23.07
CA SER C 129 -24.87 -50.96 21.85
C SER C 129 -23.37 -51.13 22.06
N GLY C 130 -22.88 -50.94 23.28
CA GLY C 130 -21.48 -51.17 23.56
C GLY C 130 -20.54 -50.05 23.20
N THR C 131 -21.06 -48.90 22.76
CA THR C 131 -20.22 -47.75 22.48
C THR C 131 -20.89 -46.53 23.07
N ALA C 132 -20.19 -45.86 23.96
CA ALA C 132 -20.73 -44.70 24.68
C ALA C 132 -19.94 -43.47 24.28
N SER C 133 -20.65 -42.39 24.00
CA SER C 133 -19.99 -41.17 23.63
C SER C 133 -20.50 -40.03 24.50
N VAL C 134 -19.57 -39.19 24.95
CA VAL C 134 -19.90 -37.97 25.67
C VAL C 134 -19.70 -36.80 24.74
N VAL C 135 -20.46 -35.73 24.95
CA VAL C 135 -20.22 -34.53 24.18
C VAL C 135 -20.14 -33.33 25.11
N CYS C 136 -19.44 -32.31 24.65
CA CYS C 136 -19.40 -31.04 25.35
C CYS C 136 -19.73 -29.97 24.34
N LEU C 137 -20.71 -29.14 24.67
CA LEU C 137 -21.23 -28.12 23.78
C LEU C 137 -20.78 -26.77 24.29
N LEU C 138 -20.10 -26.02 23.44
CA LEU C 138 -19.74 -24.63 23.70
C LEU C 138 -20.65 -23.77 22.86
N ASN C 139 -21.33 -22.81 23.49
CA ASN C 139 -22.39 -22.10 22.82
C ASN C 139 -22.19 -20.60 22.86
N ASN C 140 -22.38 -19.95 21.70
CA ASN C 140 -22.64 -18.51 21.60
C ASN C 140 -21.45 -17.68 22.09
N PHE C 141 -20.39 -17.66 21.29
CA PHE C 141 -19.20 -16.93 21.71
C PHE C 141 -18.61 -16.20 20.52
N TYR C 142 -17.45 -15.63 20.74
CA TYR C 142 -16.70 -14.92 19.73
C TYR C 142 -15.30 -14.73 20.25
N PRO C 143 -14.28 -14.87 19.42
CA PRO C 143 -14.24 -15.41 18.06
C PRO C 143 -14.13 -16.91 18.04
N ARG C 144 -13.59 -17.51 16.99
CA ARG C 144 -13.62 -18.96 16.88
C ARG C 144 -12.72 -19.63 17.90
N GLU C 145 -11.54 -19.06 18.12
CA GLU C 145 -10.42 -19.75 18.74
C GLU C 145 -10.66 -20.14 20.18
N ALA C 146 -11.17 -21.35 20.39
CA ALA C 146 -11.38 -21.90 21.72
C ALA C 146 -10.60 -23.20 21.85
N LYS C 147 -10.30 -23.57 23.09
CA LYS C 147 -9.60 -24.82 23.35
C LYS C 147 -10.45 -25.62 24.31
N VAL C 148 -10.95 -26.75 23.83
CA VAL C 148 -11.62 -27.71 24.67
C VAL C 148 -10.55 -28.64 25.23
N GLN C 149 -10.84 -29.30 26.34
CA GLN C 149 -9.91 -30.29 26.85
C GLN C 149 -10.64 -31.40 27.58
N TRP C 150 -10.31 -32.63 27.21
CA TRP C 150 -10.94 -33.83 27.74
C TRP C 150 -10.03 -34.47 28.77
N LYS C 151 -10.47 -34.53 30.02
CA LYS C 151 -9.65 -35.09 31.09
C LYS C 151 -10.49 -36.11 31.84
N VAL C 152 -10.28 -37.39 31.56
CA VAL C 152 -10.97 -38.40 32.33
C VAL C 152 -10.19 -38.59 33.62
N ASP C 153 -10.42 -37.68 34.59
CA ASP C 153 -9.60 -37.50 35.78
C ASP C 153 -8.12 -37.34 35.40
N ASN C 154 -7.86 -36.19 34.76
CA ASN C 154 -6.55 -35.75 34.27
C ASN C 154 -5.95 -36.73 33.27
N ALA C 155 -6.78 -37.52 32.58
CA ALA C 155 -6.32 -38.38 31.49
C ALA C 155 -6.55 -37.59 30.22
N LEU C 156 -5.61 -36.70 29.93
CA LEU C 156 -5.73 -35.74 28.85
C LEU C 156 -5.66 -36.47 27.52
N GLN C 157 -6.82 -36.80 26.98
CA GLN C 157 -6.95 -37.61 25.78
C GLN C 157 -6.38 -36.86 24.58
N SER C 158 -6.01 -37.63 23.56
CA SER C 158 -5.62 -37.07 22.27
C SER C 158 -5.85 -38.15 21.23
N GLY C 159 -6.62 -37.83 20.21
CA GLY C 159 -6.98 -38.80 19.18
C GLY C 159 -8.32 -39.46 19.39
N ASN C 160 -8.84 -39.42 20.61
CA ASN C 160 -10.19 -39.91 20.87
C ASN C 160 -11.22 -38.80 20.90
N SER C 161 -10.80 -37.57 20.64
CA SER C 161 -11.71 -36.44 20.57
C SER C 161 -11.97 -36.07 19.12
N GLN C 162 -13.04 -35.31 18.92
CA GLN C 162 -13.42 -34.81 17.61
C GLN C 162 -14.19 -33.52 17.82
N GLU C 163 -13.93 -32.52 17.01
CA GLU C 163 -14.56 -31.24 17.26
C GLU C 163 -15.07 -30.62 15.98
N SER C 164 -16.14 -29.85 16.08
CA SER C 164 -16.76 -29.24 14.90
C SER C 164 -17.47 -27.95 15.28
N VAL C 165 -17.20 -26.87 14.57
CA VAL C 165 -17.93 -25.63 14.78
C VAL C 165 -19.03 -25.55 13.75
N THR C 166 -20.04 -24.74 14.05
CA THR C 166 -20.97 -24.29 13.04
C THR C 166 -20.38 -23.11 12.31
N GLU C 167 -21.12 -22.58 11.35
CA GLU C 167 -20.67 -21.37 10.69
C GLU C 167 -21.10 -20.17 11.50
N GLN C 168 -20.84 -18.98 10.98
CA GLN C 168 -21.20 -17.78 11.72
C GLN C 168 -22.69 -17.62 11.70
N ASP C 169 -23.26 -17.34 12.88
CA ASP C 169 -24.69 -17.38 13.06
C ASP C 169 -25.36 -16.28 12.26
N SER C 170 -26.58 -16.55 11.82
CA SER C 170 -27.25 -15.61 10.92
C SER C 170 -27.64 -14.34 11.64
N LYS C 171 -28.04 -14.45 12.90
CA LYS C 171 -28.53 -13.28 13.62
C LYS C 171 -27.36 -12.51 14.20
N ASP C 172 -27.05 -12.77 15.46
CA ASP C 172 -26.06 -12.04 16.21
C ASP C 172 -24.62 -12.43 15.90
N SER C 173 -24.42 -13.35 14.95
CA SER C 173 -23.12 -13.75 14.41
C SER C 173 -22.21 -14.27 15.50
N THR C 174 -22.36 -15.55 15.82
CA THR C 174 -21.56 -16.16 16.86
C THR C 174 -21.43 -17.64 16.56
N TYR C 175 -20.43 -18.27 17.16
CA TYR C 175 -20.16 -19.66 16.85
C TYR C 175 -20.64 -20.58 17.94
N SER C 176 -20.68 -21.86 17.60
CA SER C 176 -21.03 -22.88 18.57
C SER C 176 -20.17 -24.09 18.25
N LEU C 177 -19.30 -24.44 19.15
CA LEU C 177 -18.42 -25.57 18.94
C LEU C 177 -19.00 -26.79 19.63
N SER C 178 -18.66 -27.95 19.12
CA SER C 178 -19.06 -29.17 19.81
C SER C 178 -17.93 -30.17 19.76
N SER C 179 -17.53 -30.64 20.93
CA SER C 179 -16.51 -31.67 21.02
C SER C 179 -17.16 -32.97 21.45
N THR C 180 -16.55 -34.07 21.01
CA THR C 180 -17.13 -35.39 21.17
C THR C 180 -16.02 -36.37 21.50
N LEU C 181 -16.29 -37.24 22.47
CA LEU C 181 -15.40 -38.35 22.77
C LEU C 181 -16.20 -39.64 22.62
N THR C 182 -15.66 -40.56 21.82
CA THR C 182 -16.25 -41.87 21.55
C THR C 182 -15.45 -42.94 22.28
N LEU C 183 -16.14 -43.88 22.91
CA LEU C 183 -15.43 -44.87 23.70
C LEU C 183 -16.15 -46.20 23.65
N SER C 184 -15.40 -47.24 23.99
CA SER C 184 -15.91 -48.59 24.05
C SER C 184 -16.81 -48.76 25.25
N LYS C 185 -17.47 -49.92 25.32
CA LYS C 185 -18.22 -50.25 26.51
C LYS C 185 -17.30 -50.43 27.70
N ALA C 186 -16.18 -51.12 27.51
CA ALA C 186 -15.31 -51.44 28.64
C ALA C 186 -14.54 -50.23 29.10
N ASP C 187 -14.02 -49.43 28.15
CA ASP C 187 -13.21 -48.28 28.51
C ASP C 187 -14.03 -47.11 29.04
N TYR C 188 -15.36 -47.20 28.94
CA TYR C 188 -16.28 -46.15 29.36
C TYR C 188 -16.19 -45.95 30.86
N GLU C 189 -16.62 -46.92 31.66
CA GLU C 189 -16.78 -46.73 33.11
C GLU C 189 -15.47 -46.59 33.85
N LYS C 190 -14.33 -46.64 33.17
CA LYS C 190 -13.04 -46.40 33.78
C LYS C 190 -12.95 -44.97 34.28
N HIS C 191 -12.13 -44.77 35.30
CA HIS C 191 -12.17 -43.65 36.25
C HIS C 191 -13.56 -43.62 36.86
N LYS C 192 -14.06 -42.44 37.22
CA LYS C 192 -15.42 -42.32 37.72
C LYS C 192 -15.93 -40.91 37.48
N VAL C 193 -15.02 -39.99 37.15
CA VAL C 193 -15.37 -38.60 36.95
C VAL C 193 -15.01 -38.19 35.53
N TYR C 194 -15.92 -37.50 34.88
CA TYR C 194 -15.65 -36.88 33.59
C TYR C 194 -15.82 -35.39 33.71
N ALA C 195 -15.02 -34.65 32.96
CA ALA C 195 -15.13 -33.21 32.93
C ALA C 195 -14.50 -32.74 31.65
N CYS C 196 -15.08 -31.72 31.06
CA CYS C 196 -14.39 -31.01 30.00
C CYS C 196 -14.03 -29.63 30.52
N GLU C 197 -12.81 -29.23 30.21
CA GLU C 197 -12.22 -27.99 30.69
C GLU C 197 -11.91 -27.12 29.49
N VAL C 198 -12.43 -25.92 29.48
CA VAL C 198 -12.41 -25.09 28.29
C VAL C 198 -11.73 -23.78 28.61
N THR C 199 -10.97 -23.26 27.65
CA THR C 199 -10.51 -21.89 27.71
C THR C 199 -10.80 -21.19 26.40
N HIS C 200 -10.82 -19.87 26.49
CA HIS C 200 -11.11 -18.97 25.39
C HIS C 200 -10.59 -17.60 25.81
N GLN C 201 -10.31 -16.75 24.82
CA GLN C 201 -9.77 -15.42 25.08
C GLN C 201 -10.76 -14.52 25.82
N GLY C 202 -12.03 -14.87 25.86
CA GLY C 202 -12.96 -14.12 26.66
C GLY C 202 -13.25 -14.80 27.99
N LEU C 203 -12.38 -15.69 28.41
CA LEU C 203 -12.54 -16.38 29.68
C LEU C 203 -11.31 -16.12 30.53
N SER C 204 -11.52 -15.57 31.72
CA SER C 204 -10.43 -15.36 32.65
C SER C 204 -9.88 -16.67 33.17
N SER C 205 -10.76 -17.61 33.45
CA SER C 205 -10.37 -18.92 33.95
C SER C 205 -10.99 -19.99 33.08
N PRO C 206 -10.35 -21.14 32.96
CA PRO C 206 -11.00 -22.29 32.33
C PRO C 206 -12.28 -22.67 33.07
N VAL C 207 -13.29 -23.04 32.31
CA VAL C 207 -14.55 -23.52 32.87
C VAL C 207 -14.56 -25.02 32.79
N THR C 208 -14.87 -25.65 33.92
CA THR C 208 -14.93 -27.09 34.02
C THR C 208 -16.38 -27.49 34.21
N LYS C 209 -16.91 -28.28 33.30
CA LYS C 209 -18.24 -28.84 33.46
C LYS C 209 -18.10 -30.35 33.57
N SER C 210 -18.78 -30.94 34.56
CA SER C 210 -18.38 -32.25 35.01
C SER C 210 -19.58 -33.06 35.45
N PHE C 211 -19.38 -34.38 35.46
CA PHE C 211 -20.35 -35.30 36.03
C PHE C 211 -19.64 -36.59 36.40
N ASN C 212 -20.24 -37.32 37.34
CA ASN C 212 -19.63 -38.51 37.89
C ASN C 212 -20.27 -39.76 37.28
N ARG C 213 -19.45 -40.76 37.00
CA ARG C 213 -19.97 -42.04 36.55
C ARG C 213 -20.08 -42.98 37.73
N ARG D 174 18.62 60.17 19.19
CA ARG D 174 19.43 60.20 17.97
C ARG D 174 19.22 61.52 17.23
N GLU D 175 20.30 62.29 17.08
CA GLU D 175 20.32 63.65 16.54
C GLU D 175 21.04 63.87 15.21
N PRO D 176 22.11 63.11 14.81
CA PRO D 176 22.61 63.27 13.44
C PRO D 176 21.85 62.48 12.38
N PHE D 177 20.52 62.48 12.45
CA PHE D 177 19.67 61.95 11.38
C PHE D 177 18.80 63.00 10.68
N VAL D 178 19.47 63.96 10.05
CA VAL D 178 18.97 65.18 9.39
C VAL D 178 17.71 65.74 10.04
N PRO D 179 17.85 66.54 11.06
CA PRO D 179 16.71 67.36 11.46
C PRO D 179 16.85 68.74 10.86
N ILE D 180 16.96 68.78 9.53
CA ILE D 180 17.08 70.06 8.83
C ILE D 180 15.76 70.82 8.95
N LEU D 181 15.86 72.15 9.00
CA LEU D 181 14.71 73.00 9.16
C LEU D 181 13.82 72.93 7.93
N LYS D 182 12.54 73.16 8.14
CA LYS D 182 11.58 73.07 7.06
C LYS D 182 11.82 74.22 6.08
N GLU D 183 11.92 73.89 4.80
CA GLU D 183 11.92 74.90 3.75
C GLU D 183 10.53 74.99 3.08
N SER D 184 9.54 74.31 3.68
CA SER D 184 8.12 74.20 3.34
C SER D 184 7.90 73.15 2.26
N HIS D 185 8.57 73.26 1.11
CA HIS D 185 8.54 72.24 0.05
C HIS D 185 9.84 72.24 -0.73
N PRO D 186 10.36 71.06 -1.13
CA PRO D 186 9.73 69.73 -1.16
C PRO D 186 10.03 68.74 -0.03
N LEU D 187 9.02 67.94 0.28
CA LEU D 187 8.98 66.80 1.20
C LEU D 187 9.09 67.17 2.68
N TYR D 188 9.26 68.43 3.03
CA TYR D 188 9.48 68.77 4.43
C TYR D 188 8.19 68.90 5.25
N ASN D 189 7.22 68.02 5.04
CA ASN D 189 5.94 68.14 5.72
C ASN D 189 5.16 66.83 5.73
N LYS D 190 5.69 65.80 5.06
CA LYS D 190 4.92 64.60 4.81
C LYS D 190 5.79 63.37 4.55
N VAL D 191 7.02 63.34 5.08
CA VAL D 191 7.84 62.15 4.93
C VAL D 191 7.66 61.15 6.07
N ARG D 192 7.22 61.61 7.25
CA ARG D 192 6.77 60.81 8.38
C ARG D 192 7.86 59.88 8.92
N THR D 193 9.12 60.15 8.63
CA THR D 193 10.20 59.30 9.10
C THR D 193 10.45 59.56 10.57
N GLY D 194 10.47 58.50 11.37
CA GLY D 194 10.73 58.68 12.78
C GLY D 194 9.61 59.34 13.56
N GLN D 195 8.37 59.23 13.05
CA GLN D 195 7.14 59.73 13.68
C GLN D 195 7.17 61.25 13.89
N VAL D 196 7.90 61.97 13.04
CA VAL D 196 8.09 63.42 13.15
C VAL D 196 8.01 64.03 11.76
N PRO D 197 7.80 65.35 11.66
CA PRO D 197 7.71 65.97 10.32
C PRO D 197 8.94 65.83 9.46
N ASN D 198 10.13 66.10 9.99
CA ASN D 198 11.36 65.95 9.21
C ASN D 198 12.52 65.58 10.14
N CYS D 199 12.65 64.28 10.40
CA CYS D 199 13.91 63.70 10.85
C CYS D 199 14.09 62.42 10.06
N ALA D 200 15.09 62.37 9.20
CA ALA D 200 15.18 61.29 8.21
C ALA D 200 16.58 60.69 8.10
N VAL D 201 17.10 60.60 6.89
CA VAL D 201 18.24 59.72 6.59
C VAL D 201 19.39 60.58 6.07
N PRO D 202 20.62 60.40 6.58
CA PRO D 202 21.78 61.05 5.97
C PRO D 202 22.36 60.19 4.86
N CYS D 203 23.41 60.64 4.16
CA CYS D 203 23.72 60.01 2.88
C CYS D 203 24.44 58.67 3.06
N TYR D 204 25.44 58.61 3.92
CA TYR D 204 26.06 57.33 4.23
C TYR D 204 25.27 56.66 5.34
N GLN D 205 25.71 55.46 5.75
CA GLN D 205 25.07 54.73 6.85
C GLN D 205 25.91 54.80 8.14
N PRO D 206 25.73 55.81 8.99
CA PRO D 206 26.63 55.93 10.14
C PRO D 206 26.22 55.16 11.39
N SER D 207 25.02 54.59 11.48
CA SER D 207 24.54 53.98 12.72
C SER D 207 24.41 52.47 12.68
N PHE D 208 25.21 51.77 11.88
CA PHE D 208 25.17 50.31 11.93
C PHE D 208 26.56 49.77 11.63
N SER D 209 27.44 50.62 11.12
CA SER D 209 28.79 50.22 10.76
C SER D 209 29.69 51.44 10.61
N ALA D 210 29.15 52.50 9.99
CA ALA D 210 29.83 53.77 9.77
C ALA D 210 31.17 53.64 9.08
N ASP D 211 32.23 53.65 9.90
CA ASP D 211 33.60 53.67 9.42
C ASP D 211 33.99 52.41 8.68
N GLU D 212 33.24 51.32 8.87
CA GLU D 212 33.45 50.10 8.11
C GLU D 212 33.17 50.29 6.63
N ARG D 213 32.40 51.32 6.28
CA ARG D 213 32.24 51.73 4.89
C ARG D 213 33.56 52.13 4.23
N THR D 214 34.57 52.52 5.03
CA THR D 214 35.91 52.79 4.50
C THR D 214 36.48 51.56 3.82
N PHE D 215 36.19 50.37 4.35
CA PHE D 215 36.51 49.15 3.62
C PHE D 215 35.63 49.02 2.38
N ALA D 216 34.32 49.21 2.57
CA ALA D 216 33.34 48.84 1.56
C ALA D 216 33.45 49.67 0.29
N THR D 217 34.09 50.85 0.41
CA THR D 217 34.32 51.71 -0.74
C THR D 217 35.14 51.02 -1.83
N PHE D 218 36.01 50.09 -1.49
CA PHE D 218 36.58 49.27 -2.56
C PHE D 218 36.05 47.85 -2.61
N TRP D 219 35.22 47.42 -1.65
CA TRP D 219 34.81 46.01 -1.58
C TRP D 219 34.01 45.61 -2.80
N ILE D 220 32.95 46.37 -3.08
CA ILE D 220 32.10 46.04 -4.20
C ILE D 220 32.82 46.40 -5.49
N GLY D 221 33.87 47.22 -5.40
CA GLY D 221 34.68 47.48 -6.56
C GLY D 221 35.38 46.23 -7.07
N LEU D 222 35.94 45.44 -6.12
CA LEU D 222 36.80 44.31 -6.49
C LEU D 222 36.05 43.28 -7.31
N TRP D 223 34.86 42.94 -6.86
CA TRP D 223 34.06 41.96 -7.58
C TRP D 223 33.56 42.51 -8.91
N SER D 224 33.16 43.80 -8.92
CA SER D 224 32.41 44.36 -10.06
C SER D 224 33.19 44.28 -11.36
N VAL D 225 34.48 44.62 -11.31
CA VAL D 225 35.31 44.59 -12.51
C VAL D 225 35.39 43.18 -13.05
N LEU D 226 35.49 42.19 -12.14
CA LEU D 226 35.51 40.79 -12.52
C LEU D 226 34.20 40.42 -13.16
N CYS D 227 33.10 40.89 -12.56
CA CYS D 227 31.78 40.56 -13.06
C CYS D 227 31.47 41.32 -14.35
N PHE D 228 32.34 42.25 -14.74
CA PHE D 228 32.30 42.70 -16.12
C PHE D 228 33.05 41.75 -17.03
N ILE D 229 34.30 41.46 -16.67
CA ILE D 229 35.27 40.89 -17.61
C ILE D 229 34.86 39.49 -18.03
N SER D 230 34.47 38.68 -17.04
CA SER D 230 34.04 37.30 -17.26
C SER D 230 32.83 37.19 -18.17
N THR D 231 31.99 38.23 -18.25
CA THR D 231 30.93 38.17 -19.23
C THR D 231 31.18 39.07 -20.44
N SER D 232 32.15 39.98 -20.34
CA SER D 232 32.38 40.95 -21.42
C SER D 232 32.81 40.26 -22.70
N THR D 233 33.71 39.29 -22.59
CA THR D 233 34.09 38.48 -23.75
C THR D 233 32.95 37.56 -24.17
N THR D 234 32.15 37.10 -23.21
CA THR D 234 31.38 35.89 -23.39
C THR D 234 30.28 36.04 -24.43
N VAL D 235 29.47 37.11 -24.31
CA VAL D 235 28.49 37.41 -25.35
C VAL D 235 29.17 37.75 -26.66
N ALA D 236 30.35 38.38 -26.61
CA ALA D 236 31.15 38.61 -27.80
C ALA D 236 31.59 37.30 -28.42
N THR D 237 31.87 36.30 -27.56
CA THR D 237 32.17 34.96 -28.04
C THR D 237 30.99 34.39 -28.81
N PHE D 238 29.77 34.66 -28.34
CA PHE D 238 28.58 34.29 -29.08
C PHE D 238 28.53 34.98 -30.43
N LEU D 239 28.89 36.25 -30.45
CA LEU D 239 28.92 36.99 -31.70
C LEU D 239 30.06 36.54 -32.61
N ILE D 240 31.04 35.80 -32.09
CA ILE D 240 32.00 35.14 -32.96
C ILE D 240 31.33 33.99 -33.71
N ASP D 241 30.51 33.21 -33.01
CA ASP D 241 30.00 31.98 -33.61
C ASP D 241 28.84 32.23 -34.55
N MET D 242 28.10 33.32 -34.32
CA MET D 242 26.81 33.63 -34.96
C MET D 242 25.88 32.45 -34.80
N GLU D 243 25.25 32.34 -33.62
CA GLU D 243 24.45 31.23 -33.10
C GLU D 243 24.91 29.83 -33.50
N ARG D 244 26.00 29.35 -32.89
CA ARG D 244 26.37 27.95 -33.05
C ARG D 244 25.56 27.08 -32.10
N PHE D 245 25.76 27.25 -30.80
CA PHE D 245 24.89 26.62 -29.83
C PHE D 245 23.51 27.27 -29.88
N ARG D 246 22.48 26.47 -29.67
CA ARG D 246 21.15 26.93 -30.04
C ARG D 246 20.14 26.84 -28.91
N TYR D 247 18.95 26.35 -29.25
CA TYR D 247 17.74 26.59 -28.44
C TYR D 247 17.75 26.03 -27.02
N PRO D 248 18.23 24.83 -26.70
CA PRO D 248 18.31 24.46 -25.28
C PRO D 248 19.42 25.12 -24.51
N GLU D 249 20.27 25.92 -25.15
CA GLU D 249 21.26 26.73 -24.47
C GLU D 249 21.10 28.21 -24.81
N ARG D 250 20.05 28.54 -25.54
CA ARG D 250 19.83 29.91 -26.00
C ARG D 250 19.67 30.96 -24.89
N PRO D 251 18.88 30.76 -23.82
CA PRO D 251 18.77 31.85 -22.83
C PRO D 251 19.99 32.06 -21.94
N ILE D 252 20.99 31.17 -22.00
CA ILE D 252 22.29 31.44 -21.39
C ILE D 252 22.89 32.72 -21.93
N ILE D 253 22.76 32.95 -23.24
CA ILE D 253 23.34 34.12 -23.89
C ILE D 253 22.72 35.40 -23.35
N PHE D 254 21.39 35.42 -23.23
CA PHE D 254 20.73 36.64 -22.79
C PHE D 254 20.89 36.85 -21.29
N LEU D 255 20.89 35.76 -20.51
CA LEU D 255 21.12 35.86 -19.08
C LEU D 255 22.51 36.40 -18.80
N SER D 256 23.50 35.91 -19.56
CA SER D 256 24.84 36.45 -19.46
C SER D 256 24.87 37.91 -19.88
N ALA D 257 24.06 38.27 -20.88
CA ALA D 257 24.05 39.65 -21.39
C ALA D 257 23.59 40.64 -20.33
N CYS D 258 22.61 40.24 -19.50
CA CYS D 258 22.04 41.17 -18.51
C CYS D 258 23.06 41.66 -17.49
N TYR D 259 23.91 40.75 -17.00
CA TYR D 259 24.88 41.09 -15.97
C TYR D 259 25.90 42.10 -16.43
N LEU D 260 26.10 42.23 -17.75
CA LEU D 260 27.02 43.23 -18.28
C LEU D 260 26.57 44.62 -17.90
N CYS D 261 25.27 44.87 -18.04
CA CYS D 261 24.73 46.18 -17.74
C CYS D 261 24.61 46.35 -16.23
N VAL D 262 24.26 45.26 -15.54
CA VAL D 262 24.18 45.29 -14.08
C VAL D 262 25.53 45.67 -13.47
N SER D 263 26.60 45.11 -13.99
CA SER D 263 27.94 45.52 -13.57
C SER D 263 28.25 46.94 -14.03
N LEU D 264 27.76 47.31 -15.22
CA LEU D 264 28.08 48.61 -15.81
C LEU D 264 27.53 49.75 -14.99
N GLY D 265 26.39 49.52 -14.32
CA GLY D 265 25.89 50.52 -13.38
C GLY D 265 26.85 50.79 -12.24
N PHE D 266 27.43 49.74 -11.67
CA PHE D 266 28.41 49.94 -10.61
C PHE D 266 29.72 50.51 -11.15
N LEU D 267 30.00 50.25 -12.42
CA LEU D 267 31.14 50.91 -13.07
C LEU D 267 30.90 52.41 -13.18
N VAL D 268 29.66 52.80 -13.49
CA VAL D 268 29.29 54.22 -13.50
C VAL D 268 29.42 54.81 -12.10
N ARG D 269 29.03 54.03 -11.09
CA ARG D 269 29.19 54.46 -9.70
C ARG D 269 30.65 54.69 -9.36
N LEU D 270 31.53 53.80 -9.80
CA LEU D 270 32.93 53.98 -9.48
C LEU D 270 33.64 54.99 -10.38
N VAL D 271 33.04 55.39 -11.49
CA VAL D 271 33.68 56.43 -12.28
C VAL D 271 33.17 57.80 -11.84
N VAL D 272 32.04 57.86 -11.13
CA VAL D 272 31.54 59.12 -10.60
C VAL D 272 31.73 59.22 -9.09
N GLY D 273 31.35 58.19 -8.35
CA GLY D 273 31.50 58.29 -6.92
C GLY D 273 30.17 58.42 -6.20
N HIS D 274 30.14 57.98 -4.93
CA HIS D 274 28.93 58.01 -4.12
C HIS D 274 28.46 59.43 -3.85
N ALA D 275 29.38 60.37 -3.74
CA ALA D 275 29.09 61.70 -3.26
C ALA D 275 28.52 62.62 -4.33
N SER D 276 28.05 62.09 -5.47
CA SER D 276 27.50 62.97 -6.49
C SER D 276 26.41 62.32 -7.32
N VAL D 277 26.19 61.02 -7.17
CA VAL D 277 25.20 60.37 -8.02
C VAL D 277 23.92 60.10 -7.24
N ALA D 278 24.02 59.92 -5.92
CA ALA D 278 22.84 59.68 -5.11
C ALA D 278 22.74 60.57 -3.89
N CYS D 279 23.84 61.13 -3.39
CA CYS D 279 23.74 62.19 -2.40
C CYS D 279 23.08 63.41 -3.03
N SER D 280 22.16 64.02 -2.28
CA SER D 280 21.44 65.20 -2.75
C SER D 280 22.42 66.36 -2.92
N ARG D 281 22.51 66.86 -4.15
CA ARG D 281 23.44 67.94 -4.46
C ARG D 281 23.03 69.24 -3.76
N GLU D 282 21.73 69.49 -3.65
CA GLU D 282 21.25 70.78 -3.21
C GLU D 282 20.52 70.77 -1.87
N HIS D 283 20.23 69.59 -1.31
CA HIS D 283 19.51 69.56 -0.04
C HIS D 283 20.07 68.56 0.96
N ASN D 284 21.21 67.93 0.66
CA ASN D 284 22.12 67.29 1.62
C ASN D 284 21.57 66.07 2.33
N HIS D 285 20.37 65.58 2.01
CA HIS D 285 20.01 64.27 2.54
C HIS D 285 20.37 63.22 1.51
N ILE D 286 19.44 62.34 1.15
CA ILE D 286 19.65 61.43 0.04
C ILE D 286 18.65 61.76 -1.06
N HIS D 287 18.90 61.21 -2.23
CA HIS D 287 17.98 61.38 -3.34
C HIS D 287 16.71 60.58 -3.10
N TYR D 288 15.58 61.23 -3.26
CA TYR D 288 14.29 60.56 -3.38
C TYR D 288 13.73 60.84 -4.77
N GLU D 289 12.77 59.98 -5.15
CA GLU D 289 11.88 60.17 -6.29
C GLU D 289 12.60 60.22 -7.63
N THR D 290 11.86 60.47 -8.71
CA THR D 290 12.44 60.55 -10.04
C THR D 290 13.07 61.92 -10.22
N THR D 291 14.39 61.96 -10.36
CA THR D 291 15.09 63.23 -10.47
C THR D 291 14.86 63.86 -11.84
N GLY D 292 14.88 65.19 -11.86
CA GLY D 292 14.68 65.95 -13.07
C GLY D 292 15.84 65.82 -14.03
N PRO D 293 16.97 66.41 -13.69
CA PRO D 293 18.21 66.11 -14.42
C PRO D 293 18.59 64.66 -14.20
N ALA D 294 18.69 63.91 -15.31
CA ALA D 294 18.85 62.46 -15.24
C ALA D 294 20.22 62.09 -14.71
N LEU D 295 20.24 61.26 -13.67
CA LEU D 295 21.47 60.89 -13.01
C LEU D 295 21.24 59.61 -12.23
N CYS D 296 20.35 59.69 -11.24
CA CYS D 296 19.99 58.53 -10.44
C CYS D 296 19.20 57.55 -11.29
N THR D 297 18.37 58.07 -12.20
CA THR D 297 17.48 57.26 -13.01
C THR D 297 18.23 56.36 -13.98
N ILE D 298 19.43 56.78 -14.39
CA ILE D 298 20.26 55.97 -15.29
C ILE D 298 20.60 54.64 -14.64
N VAL D 299 21.29 54.71 -13.50
CA VAL D 299 21.74 53.50 -12.83
C VAL D 299 20.57 52.72 -12.27
N PHE D 300 19.46 53.39 -11.94
CA PHE D 300 18.29 52.64 -11.51
C PHE D 300 17.73 51.83 -12.65
N LEU D 301 17.66 52.44 -13.84
CA LEU D 301 17.09 51.76 -14.99
C LEU D 301 17.90 50.54 -15.33
N LEU D 302 19.24 50.69 -15.33
CA LEU D 302 20.10 49.56 -15.67
C LEU D 302 20.00 48.46 -14.63
N VAL D 303 20.10 48.80 -13.34
CA VAL D 303 20.15 47.76 -12.32
C VAL D 303 18.82 47.05 -12.21
N TYR D 304 17.71 47.80 -12.13
CA TYR D 304 16.43 47.15 -11.92
C TYR D 304 15.97 46.39 -13.15
N PHE D 305 16.05 47.01 -14.34
CA PHE D 305 15.52 46.41 -15.56
C PHE D 305 16.31 45.16 -15.92
N PHE D 306 17.64 45.28 -15.96
CA PHE D 306 18.46 44.12 -16.29
C PHE D 306 18.38 43.05 -15.22
N GLY D 307 18.35 43.42 -13.93
CA GLY D 307 18.23 42.47 -12.84
C GLY D 307 17.03 41.57 -12.96
N MET D 308 15.85 42.20 -12.94
CA MET D 308 14.61 41.45 -13.07
C MET D 308 14.55 40.66 -14.38
N ALA D 309 15.09 41.25 -15.47
CA ALA D 309 15.06 40.54 -16.74
C ALA D 309 15.96 39.30 -16.70
N SER D 310 17.05 39.39 -15.95
CA SER D 310 17.95 38.26 -15.79
C SER D 310 17.26 37.11 -15.09
N SER D 311 16.50 37.42 -14.04
CA SER D 311 15.80 36.33 -13.36
C SER D 311 14.68 35.74 -14.21
N ILE D 312 14.08 36.57 -15.07
CA ILE D 312 13.08 36.03 -16.01
C ILE D 312 13.75 35.10 -17.03
N TRP D 313 14.92 35.48 -17.53
CA TRP D 313 15.64 34.60 -18.45
C TRP D 313 16.02 33.29 -17.78
N TRP D 314 16.33 33.34 -16.48
CA TRP D 314 16.60 32.10 -15.76
C TRP D 314 15.37 31.20 -15.68
N VAL D 315 14.22 31.79 -15.37
CA VAL D 315 13.07 30.91 -15.18
C VAL D 315 12.59 30.35 -16.52
N ILE D 316 12.73 31.09 -17.62
CA ILE D 316 12.36 30.46 -18.88
C ILE D 316 13.43 29.47 -19.34
N LEU D 317 14.66 29.62 -18.87
CA LEU D 317 15.64 28.57 -19.08
C LEU D 317 15.24 27.30 -18.37
N SER D 318 14.71 27.42 -17.15
CA SER D 318 14.23 26.24 -16.44
C SER D 318 13.02 25.64 -17.14
N LEU D 319 12.19 26.48 -17.75
CA LEU D 319 11.10 25.99 -18.58
C LEU D 319 11.61 25.19 -19.77
N THR D 320 12.67 25.66 -20.41
CA THR D 320 13.30 24.93 -21.51
C THR D 320 13.87 23.61 -21.03
N TRP D 321 14.47 23.61 -19.85
CA TRP D 321 14.99 22.39 -19.24
C TRP D 321 13.90 21.36 -19.03
N PHE D 322 12.75 21.79 -18.49
CA PHE D 322 11.67 20.84 -18.25
C PHE D 322 11.06 20.37 -19.56
N LEU D 323 10.92 21.25 -20.54
CA LEU D 323 10.36 20.85 -21.82
C LEU D 323 11.28 19.91 -22.59
N ALA D 324 12.58 20.03 -22.37
CA ALA D 324 13.50 19.10 -23.01
C ALA D 324 13.66 17.81 -22.22
N ALA D 325 13.41 17.84 -20.91
CA ALA D 325 13.60 16.63 -20.11
C ALA D 325 12.35 15.77 -20.07
N GLY D 326 11.24 16.34 -19.58
CA GLY D 326 10.03 15.55 -19.43
C GLY D 326 9.25 15.36 -20.71
N MET D 327 9.27 16.36 -21.59
CA MET D 327 8.53 16.29 -22.84
C MET D 327 9.41 15.89 -24.02
N LYS D 328 10.68 16.33 -24.02
CA LYS D 328 11.68 16.02 -25.05
C LYS D 328 11.19 16.42 -26.44
N TRP D 329 10.60 17.60 -26.54
CA TRP D 329 9.87 17.96 -27.75
C TRP D 329 10.76 18.32 -28.93
N GLY D 330 12.07 18.41 -28.75
CA GLY D 330 12.97 18.65 -29.86
C GLY D 330 13.19 20.12 -30.14
N ASN D 331 14.31 20.40 -30.81
CA ASN D 331 14.84 21.76 -30.89
C ASN D 331 13.96 22.67 -31.74
N GLU D 332 13.28 22.14 -32.74
CA GLU D 332 12.33 22.94 -33.50
C GLU D 332 11.13 23.34 -32.64
N ALA D 333 10.69 22.43 -31.77
CA ALA D 333 9.62 22.78 -30.85
C ALA D 333 10.09 23.70 -29.74
N ILE D 334 11.39 23.70 -29.44
CA ILE D 334 11.92 24.75 -28.59
C ILE D 334 11.88 26.08 -29.33
N ALA D 335 12.21 26.06 -30.62
CA ALA D 335 12.28 27.28 -31.42
C ALA D 335 10.93 27.96 -31.58
N GLY D 336 9.90 27.16 -31.84
CA GLY D 336 8.57 27.71 -32.08
C GLY D 336 7.99 28.39 -30.86
N TYR D 337 8.23 27.83 -29.68
CA TYR D 337 7.81 28.51 -28.47
C TYR D 337 8.74 29.65 -28.10
N ALA D 338 10.04 29.52 -28.40
CA ALA D 338 11.01 30.51 -27.95
C ALA D 338 10.92 31.81 -28.74
N GLN D 339 10.44 31.73 -29.98
CA GLN D 339 10.22 32.94 -30.76
C GLN D 339 9.16 33.85 -30.13
N TYR D 340 8.20 33.26 -29.42
CA TYR D 340 7.28 34.07 -28.64
C TYR D 340 7.86 34.43 -27.27
N PHE D 341 8.44 33.43 -26.60
CA PHE D 341 8.82 33.61 -25.19
C PHE D 341 10.01 34.53 -24.99
N HIS D 342 10.91 34.68 -25.96
CA HIS D 342 12.01 35.63 -25.77
C HIS D 342 11.49 37.06 -25.72
N LEU D 343 10.56 37.44 -26.60
CA LEU D 343 9.98 38.77 -26.50
C LEU D 343 8.94 38.85 -25.39
N ALA D 344 8.46 37.71 -24.91
CA ALA D 344 7.54 37.73 -23.77
C ALA D 344 8.28 38.02 -22.49
N ALA D 345 9.53 37.56 -22.38
CA ALA D 345 10.31 37.73 -21.17
C ALA D 345 10.59 39.18 -20.83
N TRP D 346 10.93 40.00 -21.85
CA TRP D 346 11.31 41.40 -21.64
C TRP D 346 10.20 42.25 -21.04
N LEU D 347 8.95 41.91 -21.34
CA LEU D 347 7.81 42.76 -20.95
C LEU D 347 7.65 42.92 -19.44
N ILE D 348 7.78 41.82 -18.68
CA ILE D 348 7.52 41.89 -17.23
C ILE D 348 8.46 42.82 -16.47
N PRO D 349 9.80 42.79 -16.67
CA PRO D 349 10.61 43.83 -16.01
C PRO D 349 10.31 45.22 -16.50
N SER D 350 10.06 45.38 -17.81
CA SER D 350 9.66 46.67 -18.35
C SER D 350 8.40 47.20 -17.67
N VAL D 351 7.44 46.29 -17.41
CA VAL D 351 6.19 46.67 -16.75
C VAL D 351 6.44 47.13 -15.32
N LYS D 352 7.21 46.34 -14.56
CA LYS D 352 7.45 46.70 -13.17
C LYS D 352 8.35 47.92 -13.05
N SER D 353 9.29 48.08 -13.98
CA SER D 353 10.14 49.26 -14.03
C SER D 353 9.35 50.52 -14.32
N ILE D 354 8.43 50.47 -15.27
CA ILE D 354 7.72 51.69 -15.59
C ILE D 354 6.68 52.01 -14.53
N THR D 355 6.13 51.00 -13.83
CA THR D 355 5.24 51.30 -12.73
C THR D 355 5.99 51.86 -11.53
N ALA D 356 7.21 51.38 -11.30
CA ALA D 356 8.06 51.98 -10.28
C ALA D 356 8.43 53.41 -10.64
N LEU D 357 8.69 53.67 -11.92
CA LEU D 357 9.12 55.00 -12.34
C LEU D 357 7.96 55.99 -12.29
N ALA D 358 6.76 55.56 -12.66
CA ALA D 358 5.59 56.42 -12.52
C ALA D 358 5.25 56.64 -11.06
N LEU D 359 5.36 55.58 -10.24
CA LEU D 359 5.20 55.74 -8.81
C LEU D 359 6.33 56.56 -8.20
N SER D 360 7.51 56.53 -8.84
CA SER D 360 8.70 57.29 -8.44
C SER D 360 9.14 56.95 -7.02
N SER D 361 9.04 55.68 -6.66
CA SER D 361 9.51 55.21 -5.36
C SER D 361 10.99 54.90 -5.35
N VAL D 362 11.73 55.40 -6.33
CA VAL D 362 13.16 55.18 -6.42
C VAL D 362 13.86 56.10 -5.44
N ASP D 363 14.97 55.61 -4.89
CA ASP D 363 15.71 56.35 -3.88
C ASP D 363 17.11 55.78 -3.80
N GLY D 364 18.01 56.56 -3.22
CA GLY D 364 19.35 56.10 -2.99
C GLY D 364 19.42 55.08 -1.89
N ASP D 365 20.60 54.49 -1.74
CA ASP D 365 20.83 53.53 -0.69
C ASP D 365 22.21 53.78 -0.12
N PRO D 366 22.34 53.93 1.19
CA PRO D 366 23.66 54.15 1.78
C PRO D 366 24.48 52.88 1.73
N VAL D 367 25.81 53.07 1.66
CA VAL D 367 26.85 52.05 1.47
C VAL D 367 26.45 51.32 0.18
N ALA D 368 26.36 52.09 -0.91
CA ALA D 368 26.11 51.57 -2.24
C ALA D 368 26.52 52.60 -3.26
N GLY D 369 25.88 53.76 -3.20
CA GLY D 369 25.95 54.73 -4.26
C GLY D 369 24.94 54.50 -5.37
N ILE D 370 24.18 53.41 -5.30
CA ILE D 370 23.27 53.03 -6.35
C ILE D 370 21.96 53.79 -6.20
N CYS D 371 21.00 53.48 -7.07
CA CYS D 371 19.68 54.10 -7.05
C CYS D 371 18.67 52.96 -7.15
N TYR D 372 18.12 52.52 -6.02
CA TYR D 372 17.27 51.35 -6.11
C TYR D 372 15.94 51.71 -5.45
N VAL D 373 15.28 50.74 -4.81
CA VAL D 373 13.99 50.98 -4.18
C VAL D 373 14.01 50.36 -2.79
N GLY D 374 13.05 50.79 -1.97
CA GLY D 374 12.81 50.18 -0.69
C GLY D 374 13.39 50.91 0.50
N ASN D 375 14.27 51.89 0.29
CA ASN D 375 14.77 52.64 1.44
C ASN D 375 13.70 53.56 2.00
N GLN D 376 12.76 53.99 1.19
CA GLN D 376 11.68 54.83 1.68
C GLN D 376 10.77 54.06 2.62
N ASN D 377 10.31 52.89 2.21
CA ASN D 377 9.34 52.17 3.02
C ASN D 377 9.38 50.68 2.69
N LEU D 378 8.94 49.89 3.68
CA LEU D 378 8.84 48.45 3.53
C LEU D 378 7.78 48.05 2.51
N ASN D 379 6.73 48.86 2.36
CA ASN D 379 5.68 48.53 1.41
C ASN D 379 6.18 48.65 -0.02
N SER D 380 7.10 49.59 -0.29
CA SER D 380 7.75 49.64 -1.59
C SER D 380 8.61 48.41 -1.84
N LEU D 381 9.30 47.95 -0.79
CA LEU D 381 10.13 46.76 -0.88
C LEU D 381 9.30 45.53 -1.20
N ARG D 382 8.12 45.43 -0.59
CA ARG D 382 7.18 44.38 -0.96
C ARG D 382 6.70 44.55 -2.38
N GLY D 383 6.43 45.79 -2.78
CA GLY D 383 5.85 46.04 -4.09
C GLY D 383 6.80 45.81 -5.24
N PHE D 384 8.11 45.80 -5.00
CA PHE D 384 9.02 45.58 -6.11
C PHE D 384 9.86 44.33 -5.98
N VAL D 385 10.53 44.12 -4.85
CA VAL D 385 11.59 43.13 -4.80
C VAL D 385 11.31 41.97 -3.85
N LEU D 386 10.42 42.12 -2.87
CA LEU D 386 10.16 40.98 -2.00
C LEU D 386 9.28 39.95 -2.67
N GLY D 387 8.31 40.40 -3.45
CA GLY D 387 7.34 39.52 -4.08
C GLY D 387 7.85 38.75 -5.29
N PRO D 388 8.23 39.46 -6.35
CA PRO D 388 8.69 38.78 -7.57
C PRO D 388 9.89 37.89 -7.38
N LEU D 389 10.80 38.22 -6.45
CA LEU D 389 11.97 37.38 -6.25
C LEU D 389 11.62 36.07 -5.58
N VAL D 390 10.54 36.05 -4.79
CA VAL D 390 9.97 34.79 -4.32
C VAL D 390 9.31 34.06 -5.47
N LEU D 391 8.54 34.78 -6.27
CA LEU D 391 7.67 34.17 -7.28
C LEU D 391 8.45 33.46 -8.37
N TYR D 392 9.43 34.17 -8.94
CA TYR D 392 10.20 33.62 -10.06
C TYR D 392 11.04 32.44 -9.62
N LEU D 393 11.58 32.53 -8.40
CA LEU D 393 12.34 31.43 -7.81
C LEU D 393 11.48 30.20 -7.65
N LEU D 394 10.25 30.39 -7.17
CA LEU D 394 9.35 29.25 -6.95
C LEU D 394 8.98 28.57 -8.26
N VAL D 395 8.58 29.36 -9.26
CA VAL D 395 8.15 28.76 -10.52
C VAL D 395 9.32 28.27 -11.36
N GLY D 396 10.55 28.62 -11.00
CA GLY D 396 11.68 27.94 -11.59
C GLY D 396 11.96 26.60 -10.93
N THR D 397 11.94 26.60 -9.59
CA THR D 397 12.27 25.39 -8.85
C THR D 397 11.27 24.26 -9.08
N LEU D 398 10.00 24.60 -9.27
CA LEU D 398 9.01 23.55 -9.53
C LEU D 398 9.29 22.81 -10.83
N PHE D 399 9.59 23.57 -11.89
CA PHE D 399 9.93 22.97 -13.18
C PHE D 399 11.20 22.17 -13.10
N LEU D 400 12.16 22.67 -12.32
CA LEU D 400 13.44 21.98 -12.16
C LEU D 400 13.28 20.63 -11.49
N LEU D 401 12.52 20.58 -10.40
CA LEU D 401 12.33 19.30 -9.71
C LEU D 401 11.46 18.35 -10.51
N ALA D 402 10.50 18.88 -11.29
CA ALA D 402 9.72 18.01 -12.16
C ALA D 402 10.58 17.38 -13.25
N GLY D 403 11.50 18.15 -13.83
CA GLY D 403 12.42 17.59 -14.79
C GLY D 403 13.35 16.55 -14.19
N PHE D 404 13.81 16.80 -12.97
CA PHE D 404 14.71 15.84 -12.33
C PHE D 404 14.01 14.54 -11.97
N VAL D 405 12.77 14.60 -11.49
CA VAL D 405 12.08 13.36 -11.15
C VAL D 405 11.67 12.60 -12.41
N SER D 406 11.40 13.32 -13.51
CA SER D 406 11.18 12.64 -14.79
C SER D 406 12.45 11.95 -15.26
N LEU D 407 13.59 12.61 -15.06
CA LEU D 407 14.89 12.02 -15.42
C LEU D 407 15.15 10.75 -14.62
N PHE D 408 14.87 10.77 -13.32
CA PHE D 408 15.11 9.58 -12.52
C PHE D 408 14.15 8.46 -12.84
N ARG D 409 12.90 8.80 -13.19
CA ARG D 409 11.95 7.79 -13.63
C ARG D 409 12.40 7.12 -14.92
N ALA D 410 12.88 7.92 -15.87
CA ALA D 410 13.42 7.38 -17.11
C ALA D 410 14.65 6.52 -16.86
N ARG D 411 15.51 6.96 -15.94
CA ARG D 411 16.72 6.21 -15.62
C ARG D 411 16.40 4.85 -15.01
N ARG D 412 15.46 4.81 -14.08
CA ARG D 412 15.16 3.53 -13.45
C ARG D 412 14.41 2.59 -14.40
N GLN D 413 13.57 3.14 -15.29
CA GLN D 413 12.88 2.25 -16.21
C GLN D 413 13.81 1.72 -17.29
N LEU D 414 14.80 2.51 -17.72
CA LEU D 414 15.83 2.00 -18.62
C LEU D 414 16.67 0.93 -17.94
N ALA D 415 16.97 1.14 -16.65
CA ALA D 415 17.75 0.15 -15.91
C ALA D 415 17.03 -1.18 -15.80
N ASP D 416 15.74 -1.16 -15.48
CA ASP D 416 15.05 -2.45 -15.35
C ASP D 416 14.82 -3.12 -16.69
N LEU D 417 14.62 -2.33 -17.76
CA LEU D 417 14.48 -2.95 -19.08
C LEU D 417 15.80 -3.61 -19.50
N GLU D 418 16.91 -2.97 -19.15
CA GLU D 418 18.22 -3.58 -19.38
C GLU D 418 18.39 -4.86 -18.58
N ASP D 419 17.88 -4.87 -17.34
CA ASP D 419 17.92 -6.06 -16.50
C ASP D 419 17.13 -7.20 -17.13
N ASN D 420 15.95 -6.89 -17.67
CA ASN D 420 15.15 -7.90 -18.35
C ASN D 420 15.88 -8.45 -19.57
N TRP D 421 16.54 -7.56 -20.31
CA TRP D 421 17.28 -8.01 -21.49
C TRP D 421 18.43 -8.95 -21.13
N GLU D 422 19.19 -8.61 -20.08
CA GLU D 422 20.33 -9.46 -19.77
C GLU D 422 19.90 -10.77 -19.13
N THR D 423 18.85 -10.77 -18.31
CA THR D 423 18.39 -12.05 -17.79
C THR D 423 17.66 -12.86 -18.83
N LEU D 424 17.24 -12.25 -19.93
CA LEU D 424 16.77 -13.02 -21.06
C LEU D 424 17.94 -13.69 -21.75
N ASN D 425 18.94 -12.91 -22.14
CA ASN D 425 19.99 -13.38 -23.02
C ASN D 425 20.90 -14.40 -22.33
N ASP D 426 21.31 -14.10 -21.09
CA ASP D 426 22.21 -15.00 -20.36
C ASP D 426 21.54 -16.32 -20.03
N ASN D 427 20.29 -16.28 -19.61
CA ASN D 427 19.59 -17.50 -19.29
C ASN D 427 19.30 -18.33 -20.54
N LEU D 428 19.06 -17.68 -21.68
CA LEU D 428 18.92 -18.41 -22.93
C LEU D 428 20.20 -19.13 -23.29
N LYS D 429 21.33 -18.48 -23.07
CA LYS D 429 22.61 -19.14 -23.27
C LYS D 429 22.81 -20.29 -22.29
N VAL D 430 22.31 -20.14 -21.05
CA VAL D 430 22.35 -21.23 -20.07
C VAL D 430 21.55 -22.43 -20.56
N ILE D 431 20.38 -22.18 -21.14
CA ILE D 431 19.58 -23.23 -21.75
C ILE D 431 20.35 -23.89 -22.87
N GLU D 432 21.11 -23.09 -23.63
CA GLU D 432 21.77 -23.58 -24.83
C GLU D 432 22.86 -24.60 -24.49
N LYS D 433 23.49 -24.50 -23.32
CA LYS D 433 24.61 -25.38 -22.98
C LYS D 433 24.33 -26.30 -21.79
N ALA D 434 23.10 -26.37 -21.31
CA ALA D 434 22.74 -27.32 -20.27
C ALA D 434 21.83 -28.39 -20.86
N ASP D 435 21.63 -29.46 -20.11
CA ASP D 435 20.83 -30.59 -20.61
C ASP D 435 19.73 -30.93 -19.61
N ASN D 436 19.21 -32.15 -19.73
CA ASN D 436 18.16 -32.78 -18.93
C ASN D 436 16.80 -32.09 -19.09
N ALA D 437 15.72 -32.79 -18.73
CA ALA D 437 14.37 -32.36 -19.03
C ALA D 437 13.76 -31.44 -17.98
N ALA D 438 14.44 -31.17 -16.88
CA ALA D 438 13.83 -30.42 -15.80
C ALA D 438 14.29 -28.97 -15.75
N GLN D 439 15.60 -28.74 -15.75
CA GLN D 439 16.11 -27.39 -15.63
C GLN D 439 15.86 -26.57 -16.88
N VAL D 440 15.55 -27.22 -18.01
CA VAL D 440 15.16 -26.49 -19.20
C VAL D 440 13.83 -25.77 -18.99
N LYS D 441 12.85 -26.45 -18.40
CA LYS D 441 11.60 -25.78 -18.06
C LYS D 441 11.82 -24.78 -16.94
N ASP D 442 12.69 -25.15 -15.99
CA ASP D 442 12.97 -24.27 -14.86
C ASP D 442 13.63 -22.97 -15.28
N ALA D 443 14.34 -22.97 -16.40
CA ALA D 443 14.92 -21.75 -16.93
C ALA D 443 13.99 -21.03 -17.89
N LEU D 444 13.25 -21.78 -18.69
CA LEU D 444 12.35 -21.17 -19.67
C LEU D 444 11.21 -20.43 -19.00
N THR D 445 10.83 -20.85 -17.78
CA THR D 445 9.82 -20.07 -17.09
C THR D 445 10.33 -18.70 -16.67
N LYS D 446 11.61 -18.59 -16.30
CA LYS D 446 12.17 -17.28 -16.03
C LYS D 446 12.29 -16.47 -17.31
N MET D 447 12.56 -17.14 -18.42
CA MET D 447 12.59 -16.48 -19.70
C MET D 447 11.23 -15.86 -20.06
N ARG D 448 10.16 -16.61 -19.84
CA ARG D 448 8.83 -16.10 -20.12
C ARG D 448 8.48 -14.95 -19.18
N ALA D 449 8.90 -15.07 -17.92
CA ALA D 449 8.63 -13.99 -16.96
C ALA D 449 9.32 -12.70 -17.37
N ALA D 450 10.58 -12.79 -17.76
CA ALA D 450 11.33 -11.61 -18.15
C ALA D 450 10.81 -11.00 -19.45
N ALA D 451 10.41 -11.86 -20.39
CA ALA D 451 9.91 -11.35 -21.65
C ALA D 451 8.58 -10.63 -21.47
N LEU D 452 7.70 -11.16 -20.61
CA LEU D 452 6.45 -10.47 -20.31
C LEU D 452 6.70 -9.14 -19.62
N ASP D 453 7.67 -9.13 -18.69
CA ASP D 453 7.98 -7.91 -17.97
C ASP D 453 8.55 -6.84 -18.89
N ALA D 454 9.37 -7.23 -19.86
CA ALA D 454 9.90 -6.24 -20.79
C ALA D 454 8.86 -5.77 -21.80
N GLN D 455 7.94 -6.67 -22.20
CA GLN D 455 6.86 -6.24 -23.11
C GLN D 455 5.93 -5.25 -22.45
N LYS D 456 5.71 -5.37 -21.14
CA LYS D 456 4.85 -4.41 -20.47
C LYS D 456 5.44 -3.00 -20.43
N ALA D 457 6.76 -2.85 -20.52
CA ALA D 457 7.35 -1.53 -20.46
C ALA D 457 7.39 -0.84 -21.82
N THR D 458 7.56 -1.61 -22.90
CA THR D 458 7.69 -1.20 -24.31
C THR D 458 8.39 0.13 -24.61
N MET D 472 7.09 1.73 -31.96
CA MET D 472 6.76 1.04 -30.72
C MET D 472 5.87 -0.16 -30.99
N LYS D 473 5.05 -0.04 -32.03
CA LYS D 473 4.08 -1.09 -32.33
C LYS D 473 4.75 -2.33 -32.91
N ASP D 474 5.72 -2.15 -33.81
CA ASP D 474 6.55 -3.28 -34.20
C ASP D 474 7.49 -3.67 -33.09
N PHE D 475 7.90 -2.71 -32.27
CA PHE D 475 8.77 -2.97 -31.14
C PHE D 475 8.02 -3.52 -29.93
N ARG D 476 6.70 -3.65 -29.99
CA ARG D 476 5.94 -4.49 -29.07
C ARG D 476 5.45 -5.77 -29.72
N HIS D 477 5.22 -5.73 -31.03
CA HIS D 477 4.84 -6.93 -31.76
C HIS D 477 5.96 -7.94 -31.81
N GLY D 478 7.21 -7.48 -31.82
CA GLY D 478 8.32 -8.39 -31.72
C GLY D 478 8.36 -9.12 -30.40
N PHE D 479 8.06 -8.41 -29.31
CA PHE D 479 7.98 -9.05 -28.00
C PHE D 479 6.86 -10.06 -27.97
N ASP D 480 5.74 -9.73 -28.60
CA ASP D 480 4.61 -10.65 -28.68
C ASP D 480 4.99 -11.93 -29.41
N ILE D 481 5.68 -11.82 -30.54
CA ILE D 481 6.02 -13.02 -31.27
C ILE D 481 7.17 -13.76 -30.59
N LEU D 482 7.96 -13.07 -29.77
CA LEU D 482 8.97 -13.72 -28.96
C LEU D 482 8.36 -14.60 -27.87
N VAL D 483 7.41 -14.04 -27.12
CA VAL D 483 6.72 -14.80 -26.06
C VAL D 483 5.97 -15.96 -26.66
N GLY D 484 5.37 -15.77 -27.84
CA GLY D 484 4.77 -16.87 -28.55
C GLY D 484 5.76 -17.93 -28.99
N GLN D 485 6.99 -17.53 -29.29
CA GLN D 485 8.00 -18.52 -29.61
C GLN D 485 8.40 -19.33 -28.38
N ILE D 486 8.48 -18.69 -27.21
CA ILE D 486 8.72 -19.43 -25.98
C ILE D 486 7.55 -20.36 -25.65
N ASP D 487 6.34 -19.91 -25.99
CA ASP D 487 5.15 -20.73 -25.87
C ASP D 487 5.28 -21.98 -26.75
N ASP D 488 5.84 -21.82 -27.94
CA ASP D 488 6.15 -22.99 -28.76
C ASP D 488 7.23 -23.84 -28.10
N ALA D 489 8.14 -23.22 -27.37
CA ALA D 489 9.26 -23.97 -26.83
C ALA D 489 8.86 -24.85 -25.66
N LEU D 490 8.00 -24.33 -24.77
CA LEU D 490 7.89 -24.93 -23.45
C LEU D 490 7.13 -26.25 -23.45
N LYS D 491 6.18 -26.42 -24.37
CA LYS D 491 5.33 -27.60 -24.32
C LYS D 491 6.09 -28.86 -24.74
N LEU D 492 7.10 -28.72 -25.59
CA LEU D 492 7.92 -29.86 -25.91
C LEU D 492 8.81 -30.26 -24.76
N ALA D 493 9.17 -29.30 -23.91
CA ALA D 493 9.88 -29.65 -22.69
C ALA D 493 8.96 -30.34 -21.71
N ASN D 494 7.69 -29.94 -21.67
CA ASN D 494 6.71 -30.67 -20.86
C ASN D 494 6.54 -32.09 -21.37
N GLU D 495 6.50 -32.28 -22.68
CA GLU D 495 6.16 -33.55 -23.28
C GLU D 495 7.37 -34.44 -23.54
N GLY D 496 8.44 -34.27 -22.77
CA GLY D 496 9.57 -35.17 -22.87
C GLY D 496 10.39 -35.09 -24.15
N LYS D 497 10.62 -33.88 -24.66
CA LYS D 497 11.53 -33.67 -25.76
C LYS D 497 12.51 -32.59 -25.33
N VAL D 498 13.79 -32.92 -25.28
CA VAL D 498 14.79 -31.99 -24.78
C VAL D 498 15.47 -31.21 -25.90
N LYS D 499 15.97 -31.88 -26.94
CA LYS D 499 16.65 -31.15 -28.00
C LYS D 499 15.68 -30.43 -28.92
N GLU D 500 14.42 -30.87 -28.96
CA GLU D 500 13.41 -30.09 -29.67
C GLU D 500 13.16 -28.77 -28.95
N ALA D 501 13.21 -28.79 -27.62
CA ALA D 501 13.17 -27.56 -26.86
C ALA D 501 14.42 -26.73 -27.11
N GLN D 502 15.58 -27.40 -27.26
CA GLN D 502 16.83 -26.67 -27.51
C GLN D 502 16.73 -25.89 -28.81
N ALA D 503 16.31 -26.56 -29.89
CA ALA D 503 16.18 -25.90 -31.19
C ALA D 503 15.11 -24.80 -31.13
N ALA D 504 14.03 -25.06 -30.40
CA ALA D 504 12.99 -24.06 -30.26
C ALA D 504 13.54 -22.82 -29.55
N ALA D 505 14.40 -23.04 -28.56
CA ALA D 505 15.07 -21.93 -27.90
C ALA D 505 16.06 -21.22 -28.83
N GLU D 506 16.81 -21.98 -29.65
CA GLU D 506 17.83 -21.35 -30.50
C GLU D 506 17.20 -20.40 -31.48
N GLN D 507 16.00 -20.72 -31.96
CA GLN D 507 15.36 -19.90 -33.00
C GLN D 507 15.12 -18.45 -32.56
N LEU D 508 15.09 -18.18 -31.25
CA LEU D 508 14.79 -16.84 -30.74
C LEU D 508 15.74 -15.75 -31.21
N LYS D 509 17.05 -16.06 -31.31
CA LYS D 509 18.12 -15.09 -31.59
C LYS D 509 17.82 -14.09 -32.70
N THR D 510 17.32 -14.57 -33.83
CA THR D 510 17.03 -13.69 -34.96
C THR D 510 15.98 -12.65 -34.59
N THR D 511 14.88 -13.09 -33.96
CA THR D 511 13.83 -12.18 -33.54
C THR D 511 14.28 -11.29 -32.39
N ARG D 512 15.24 -11.75 -31.61
CA ARG D 512 15.91 -10.87 -30.66
C ARG D 512 16.66 -9.78 -31.40
N ASN D 513 17.32 -10.14 -32.50
CA ASN D 513 18.18 -9.21 -33.19
C ASN D 513 17.38 -8.18 -33.97
N ALA D 514 16.39 -8.67 -34.74
CA ALA D 514 15.71 -7.84 -35.72
C ALA D 514 14.76 -6.82 -35.09
N TYR D 515 14.49 -6.91 -33.79
CA TYR D 515 13.55 -6.01 -33.17
C TYR D 515 14.06 -5.50 -31.83
N ILE D 516 14.37 -6.44 -30.95
CA ILE D 516 14.60 -6.12 -29.55
C ILE D 516 15.93 -5.41 -29.39
N GLN D 517 16.94 -5.87 -30.12
CA GLN D 517 18.27 -5.29 -30.05
C GLN D 517 18.28 -3.87 -30.60
N LYS D 518 17.68 -3.68 -31.77
CA LYS D 518 17.74 -2.38 -32.42
C LYS D 518 16.84 -1.36 -31.75
N TYR D 519 15.88 -1.79 -30.94
CA TYR D 519 15.12 -0.84 -30.14
C TYR D 519 15.80 -0.54 -28.82
N LEU D 520 16.47 -1.54 -28.22
CA LEU D 520 17.24 -1.27 -27.02
C LEU D 520 18.38 -0.30 -27.29
N GLU D 521 18.95 -0.35 -28.49
CA GLU D 521 20.04 0.57 -28.83
C GLU D 521 19.58 2.03 -28.79
N ARG D 522 18.45 2.33 -29.42
CA ARG D 522 17.99 3.71 -29.40
C ARG D 522 17.43 4.09 -28.04
N ALA D 523 16.87 3.13 -27.30
CA ALA D 523 16.41 3.41 -25.95
C ALA D 523 17.57 3.78 -25.04
N ARG D 524 18.71 3.11 -25.18
CA ARG D 524 19.86 3.46 -24.38
C ARG D 524 20.49 4.75 -24.87
N SER D 525 20.52 4.95 -26.18
CA SER D 525 21.24 6.07 -26.76
C SER D 525 20.55 7.40 -26.46
N THR D 526 19.21 7.41 -26.45
CA THR D 526 18.49 8.65 -26.15
C THR D 526 18.75 9.11 -24.72
N LEU D 527 18.70 8.19 -23.77
CA LEU D 527 18.97 8.57 -22.38
C LEU D 527 20.42 8.93 -22.18
N ASP D 528 21.34 8.28 -22.91
CA ASP D 528 22.74 8.64 -22.76
C ASP D 528 23.02 10.02 -23.33
N LYS D 529 22.40 10.35 -24.45
CA LYS D 529 22.55 11.68 -25.03
C LYS D 529 21.92 12.75 -24.15
N LEU D 530 20.84 12.40 -23.46
CA LEU D 530 20.27 13.35 -22.49
C LEU D 530 21.16 13.51 -21.28
N GLU D 531 21.66 12.41 -20.74
CA GLU D 531 22.37 12.46 -19.47
C GLU D 531 23.73 13.10 -19.61
N LYS D 532 24.37 12.95 -20.77
CA LYS D 532 25.68 13.53 -20.96
C LYS D 532 25.65 15.04 -21.18
N LEU D 533 24.48 15.64 -21.39
CA LEU D 533 24.46 17.04 -21.76
C LEU D 533 23.51 17.86 -20.90
N MET D 534 22.30 17.35 -20.69
CA MET D 534 21.33 18.13 -19.94
C MET D 534 21.62 18.13 -18.45
N ILE D 535 22.41 17.19 -17.95
CA ILE D 535 22.93 17.33 -16.60
C ILE D 535 23.91 18.49 -16.54
N ARG D 536 24.77 18.60 -17.56
CA ARG D 536 25.72 19.69 -17.66
C ARG D 536 25.04 21.04 -17.85
N ILE D 537 23.81 21.05 -18.36
CA ILE D 537 23.07 22.30 -18.42
C ILE D 537 22.27 22.55 -17.14
N GLY D 538 21.62 21.53 -16.56
CA GLY D 538 20.81 21.73 -15.37
C GLY D 538 21.60 22.04 -14.12
N ILE D 539 22.90 21.71 -14.10
CA ILE D 539 23.70 22.13 -12.95
C ILE D 539 23.85 23.64 -12.88
N PHE D 540 23.73 24.35 -14.01
CA PHE D 540 23.69 25.80 -13.97
C PHE D 540 22.49 26.31 -13.20
N THR D 541 21.33 25.66 -13.39
CA THR D 541 20.13 25.99 -12.61
C THR D 541 20.34 25.69 -11.14
N LEU D 542 20.81 24.47 -10.84
CA LEU D 542 21.05 24.07 -9.45
C LEU D 542 21.98 25.04 -8.75
N LEU D 543 23.06 25.45 -9.41
CA LEU D 543 23.94 26.43 -8.81
C LEU D 543 23.24 27.77 -8.67
N TYR D 544 22.47 28.18 -9.68
CA TYR D 544 21.84 29.51 -9.67
C TYR D 544 20.83 29.66 -8.54
N THR D 545 20.10 28.59 -8.22
CA THR D 545 18.99 28.71 -7.27
C THR D 545 19.44 29.22 -5.89
N VAL D 546 20.63 28.85 -5.44
CA VAL D 546 21.09 29.24 -4.11
C VAL D 546 21.28 30.75 -3.95
N PRO D 547 22.01 31.49 -4.86
CA PRO D 547 22.18 32.93 -4.64
C PRO D 547 20.88 33.72 -4.57
N ALA D 548 19.89 33.38 -5.39
CA ALA D 548 18.63 34.10 -5.39
C ALA D 548 17.95 33.97 -4.03
N SER D 549 18.00 32.77 -3.46
CA SER D 549 17.39 32.52 -2.17
C SER D 549 18.13 33.31 -1.10
N ILE D 550 19.46 33.28 -1.11
CA ILE D 550 20.21 34.04 -0.12
C ILE D 550 19.95 35.55 -0.26
N VAL D 551 19.69 36.02 -1.48
CA VAL D 551 19.29 37.41 -1.69
C VAL D 551 17.96 37.72 -1.02
N VAL D 552 16.95 36.85 -1.22
CA VAL D 552 15.65 37.19 -0.64
C VAL D 552 15.69 37.01 0.88
N ALA D 553 16.56 36.13 1.38
CA ALA D 553 16.76 36.02 2.82
C ALA D 553 17.44 37.25 3.39
N CYS D 554 18.42 37.80 2.66
CA CYS D 554 19.09 39.01 3.11
C CYS D 554 18.13 40.19 3.14
N TYR D 555 17.24 40.28 2.15
CA TYR D 555 16.22 41.32 2.16
C TYR D 555 15.25 41.13 3.32
N LEU D 556 14.86 39.88 3.59
CA LEU D 556 13.94 39.60 4.67
C LEU D 556 14.55 39.87 6.04
N TYR D 557 15.88 39.86 6.15
CA TYR D 557 16.46 40.27 7.41
C TYR D 557 16.72 41.76 7.47
N GLU D 558 17.00 42.40 6.33
CA GLU D 558 17.24 43.83 6.35
C GLU D 558 15.95 44.61 6.60
N GLN D 559 14.79 44.06 6.21
CA GLN D 559 13.55 44.73 6.57
C GLN D 559 13.29 44.69 8.07
N HIS D 560 13.64 43.58 8.74
CA HIS D 560 13.50 43.52 10.19
C HIS D 560 14.50 44.45 10.88
N TYR D 561 15.71 44.56 10.33
CA TYR D 561 16.70 45.47 10.90
C TYR D 561 16.25 46.93 10.81
N ARG D 562 15.71 47.32 9.64
CA ARG D 562 15.16 48.66 9.49
C ARG D 562 13.93 48.88 10.38
N GLU D 563 13.16 47.81 10.59
CA GLU D 563 12.05 47.85 11.55
C GLU D 563 12.56 48.12 12.96
N SER D 564 13.70 47.54 13.30
CA SER D 564 14.31 47.78 14.61
C SER D 564 14.78 49.21 14.76
N TRP D 565 15.36 49.78 13.72
CA TRP D 565 16.03 51.06 13.90
C TRP D 565 15.21 52.29 13.60
N GLU D 566 14.09 52.17 12.86
CA GLU D 566 13.46 53.36 12.29
C GLU D 566 12.84 54.27 13.35
N ALA D 567 12.06 53.70 14.26
CA ALA D 567 11.40 54.52 15.27
C ALA D 567 12.34 54.93 16.41
N ALA D 568 13.53 54.34 16.49
CA ALA D 568 14.40 54.49 17.65
C ALA D 568 15.04 55.87 17.64
N LEU D 569 14.42 56.81 18.36
CA LEU D 569 14.97 58.14 18.57
C LEU D 569 14.89 58.51 20.05
N THR D 570 15.58 59.61 20.38
CA THR D 570 15.71 60.21 21.72
C THR D 570 16.10 59.22 22.81
N CYS D 571 15.81 59.54 24.07
CA CYS D 571 16.27 58.75 25.19
C CYS D 571 15.35 57.56 25.44
N ALA D 572 15.26 57.13 26.70
CA ALA D 572 14.38 56.05 27.11
C ALA D 572 14.17 56.19 28.62
N CYS D 573 13.54 55.19 29.22
CA CYS D 573 13.32 55.14 30.67
C CYS D 573 13.04 53.72 31.14
N GLU D 586 26.14 43.38 12.26
CA GLU D 586 25.97 42.58 11.05
C GLU D 586 26.39 43.37 9.82
N TYR D 587 27.68 43.67 9.74
CA TYR D 587 28.24 44.41 8.62
C TYR D 587 28.45 43.52 7.40
N TRP D 588 28.65 42.22 7.63
CA TRP D 588 28.92 41.29 6.54
C TRP D 588 27.68 40.91 5.74
N VAL D 589 26.50 40.87 6.37
CA VAL D 589 25.28 40.65 5.60
C VAL D 589 24.93 41.86 4.74
N LEU D 590 25.39 43.06 5.11
CA LEU D 590 25.20 44.22 4.27
C LEU D 590 26.09 44.15 3.03
N MET D 591 27.37 43.85 3.21
CA MET D 591 28.30 43.84 2.09
C MET D 591 28.20 42.57 1.26
N LEU D 592 27.47 41.57 1.74
CA LEU D 592 27.29 40.34 0.98
C LEU D 592 26.25 40.47 -0.12
N LYS D 593 25.24 41.34 0.07
CA LYS D 593 24.04 41.30 -0.77
C LYS D 593 24.31 41.77 -2.19
N TYR D 594 25.05 42.87 -2.35
CA TYR D 594 25.41 43.30 -3.69
C TYR D 594 26.35 42.31 -4.36
N PHE D 595 27.20 41.66 -3.57
CA PHE D 595 28.13 40.66 -4.09
C PHE D 595 27.40 39.46 -4.69
N MET D 596 26.48 38.87 -3.93
CA MET D 596 25.84 37.66 -4.42
C MET D 596 24.82 37.93 -5.51
N CYS D 597 24.48 39.20 -5.75
CA CYS D 597 23.77 39.54 -6.96
C CYS D 597 24.67 39.41 -8.18
N LEU D 598 25.98 39.61 -8.01
CA LEU D 598 26.91 39.66 -9.13
C LEU D 598 27.59 38.34 -9.42
N VAL D 599 27.32 37.29 -8.65
CA VAL D 599 28.10 36.06 -8.75
C VAL D 599 27.84 35.35 -10.06
N VAL D 600 26.58 35.35 -10.51
CA VAL D 600 26.14 34.52 -11.63
C VAL D 600 26.87 34.87 -12.92
N GLY D 601 27.25 36.14 -13.06
CA GLY D 601 27.99 36.58 -14.23
C GLY D 601 29.32 35.89 -14.40
N ILE D 602 30.04 35.67 -13.29
CA ILE D 602 31.34 35.02 -13.48
C ILE D 602 31.18 33.53 -13.73
N THR D 603 29.99 32.97 -13.45
CA THR D 603 29.73 31.61 -13.87
C THR D 603 29.72 31.52 -15.39
N SER D 604 29.26 32.58 -16.06
CA SER D 604 29.35 32.62 -17.51
C SER D 604 30.77 32.82 -18.00
N GLY D 605 31.71 33.19 -17.13
CA GLY D 605 33.10 33.13 -17.49
C GLY D 605 33.73 31.75 -17.33
N VAL D 606 33.06 30.87 -16.60
CA VAL D 606 33.55 29.51 -16.39
C VAL D 606 32.69 28.48 -17.12
N TRP D 607 31.42 28.76 -17.35
CA TRP D 607 30.59 27.86 -18.14
C TRP D 607 31.02 27.85 -19.60
N ILE D 608 31.57 28.95 -20.10
CA ILE D 608 31.96 29.04 -21.49
C ILE D 608 33.38 28.53 -21.69
N TRP D 609 34.00 28.00 -20.63
CA TRP D 609 35.37 27.50 -20.69
C TRP D 609 35.43 26.27 -21.59
N SER D 610 35.98 26.45 -22.79
CA SER D 610 36.14 25.36 -23.75
C SER D 610 37.26 25.76 -24.70
N GLY D 611 38.36 25.02 -24.68
CA GLY D 611 39.52 25.41 -25.46
C GLY D 611 39.32 25.29 -26.96
N LYS D 612 38.42 24.40 -27.39
CA LYS D 612 38.18 24.21 -28.81
C LYS D 612 37.57 25.45 -29.44
N THR D 613 36.52 26.00 -28.83
CA THR D 613 35.85 27.13 -29.43
C THR D 613 36.60 28.43 -29.15
N VAL D 614 37.42 28.47 -28.10
CA VAL D 614 38.34 29.57 -27.90
C VAL D 614 39.39 29.60 -29.01
N GLU D 615 39.90 28.42 -29.39
CA GLU D 615 40.82 28.37 -30.52
C GLU D 615 40.12 28.69 -31.83
N SER D 616 38.84 28.33 -31.94
CA SER D 616 38.03 28.75 -33.07
C SER D 616 37.90 30.27 -33.14
N TRP D 617 37.70 30.90 -31.98
CA TRP D 617 37.66 32.36 -31.89
C TRP D 617 38.98 32.98 -32.28
N ARG D 618 40.10 32.39 -31.82
CA ARG D 618 41.42 32.94 -32.13
C ARG D 618 41.75 32.81 -33.60
N ARG D 619 41.44 31.67 -34.21
CA ARG D 619 41.72 31.50 -35.63
C ARG D 619 40.75 32.31 -36.48
N PHE D 620 39.53 32.53 -36.00
CA PHE D 620 38.58 33.37 -36.70
C PHE D 620 39.01 34.83 -36.68
N THR D 621 39.55 35.29 -35.56
CA THR D 621 39.87 36.69 -35.37
C THR D 621 41.28 37.05 -35.85
N SER D 622 42.15 36.04 -36.01
CA SER D 622 43.54 36.30 -36.38
C SER D 622 43.67 36.93 -37.76
N ARG D 623 43.06 36.31 -38.77
CA ARG D 623 42.97 36.81 -40.16
C ARG D 623 44.31 37.16 -40.80
#